data_7UNX
#
_entry.id   7UNX
#
_entity_poly.entity_id   1
_entity_poly.type   'polypeptide(L)'
_entity_poly.pdbx_seq_one_letter_code
;NAPEFTQSVCERNSDCDHFCGEGFGHCIRGMYCACM
;
_entity_poly.pdbx_strand_id   A
#
# COMPACT_ATOMS: atom_id res chain seq x y z
N ASN A 1 -8.83 -17.67 -18.09
CA ASN A 1 -7.82 -16.62 -17.96
C ASN A 1 -7.96 -15.95 -16.63
N ALA A 2 -6.95 -16.05 -15.81
CA ALA A 2 -6.93 -15.40 -14.52
C ALA A 2 -5.56 -14.77 -14.30
N PRO A 3 -5.39 -13.52 -14.69
CA PRO A 3 -4.15 -12.80 -14.50
C PRO A 3 -4.14 -11.95 -13.24
N GLU A 4 -3.00 -11.86 -12.62
CA GLU A 4 -2.83 -11.02 -11.47
C GLU A 4 -1.49 -10.34 -11.54
N PHE A 5 -1.51 -9.08 -11.83
CA PHE A 5 -0.32 -8.28 -11.92
C PHE A 5 -0.40 -7.10 -10.98
N THR A 6 -1.40 -7.12 -10.12
CA THR A 6 -1.58 -6.07 -9.17
C THR A 6 -0.60 -6.29 -8.02
N GLN A 7 0.57 -5.72 -8.17
CA GLN A 7 1.62 -5.87 -7.19
C GLN A 7 1.35 -5.00 -6.00
N SER A 8 1.63 -5.52 -4.85
CA SER A 8 1.45 -4.83 -3.60
C SER A 8 2.39 -3.64 -3.52
N VAL A 9 1.83 -2.44 -3.61
CA VAL A 9 2.63 -1.22 -3.54
C VAL A 9 3.14 -1.05 -2.11
N CYS A 10 2.40 -1.59 -1.21
CA CYS A 10 2.73 -1.60 0.15
C CYS A 10 2.59 -3.01 0.64
N GLU A 11 3.55 -3.45 1.39
CA GLU A 11 3.54 -4.78 1.94
C GLU A 11 3.02 -4.66 3.36
N ARG A 12 3.14 -3.48 3.86
CA ARG A 12 2.71 -3.10 5.16
C ARG A 12 1.99 -1.78 5.01
N ASN A 13 1.06 -1.52 5.88
CA ASN A 13 0.26 -0.30 5.82
C ASN A 13 1.15 0.90 6.09
N SER A 14 2.20 0.66 6.83
CA SER A 14 3.17 1.64 7.17
C SER A 14 3.98 2.16 5.96
N ASP A 15 3.89 1.47 4.80
CA ASP A 15 4.52 1.99 3.58
C ASP A 15 3.70 3.18 3.14
N CYS A 16 2.40 3.04 3.28
CA CYS A 16 1.48 4.12 2.95
C CYS A 16 1.62 5.25 3.94
N ASP A 17 2.13 4.94 5.13
CA ASP A 17 2.42 5.97 6.12
C ASP A 17 3.66 6.76 5.71
N HIS A 18 4.35 6.30 4.70
CA HIS A 18 5.45 7.05 4.13
C HIS A 18 4.96 7.80 2.91
N PHE A 19 4.08 7.15 2.14
CA PHE A 19 3.54 7.73 0.92
C PHE A 19 2.58 8.89 1.21
N CYS A 20 1.60 8.64 2.06
CA CYS A 20 0.56 9.62 2.35
C CYS A 20 0.84 10.34 3.66
N GLY A 21 1.71 9.77 4.46
CA GLY A 21 1.99 10.31 5.77
C GLY A 21 1.42 9.39 6.83
N GLU A 22 2.03 9.35 7.99
CA GLU A 22 1.62 8.44 9.04
C GLU A 22 0.27 8.83 9.57
N GLY A 23 -0.68 7.96 9.34
CA GLY A 23 -2.01 8.22 9.76
C GLY A 23 -2.86 8.61 8.60
N PHE A 24 -2.28 8.67 7.44
CA PHE A 24 -3.00 9.02 6.25
C PHE A 24 -2.87 7.92 5.22
N GLY A 25 -2.14 6.90 5.57
CA GLY A 25 -1.88 5.84 4.65
C GLY A 25 -2.78 4.66 4.86
N HIS A 26 -3.40 4.20 3.80
CA HIS A 26 -4.26 3.03 3.85
C HIS A 26 -3.94 2.09 2.70
N CYS A 27 -3.61 0.88 3.05
CA CYS A 27 -3.39 -0.15 2.05
C CYS A 27 -4.69 -0.82 1.70
N ILE A 28 -5.08 -0.70 0.47
CA ILE A 28 -6.31 -1.26 0.01
C ILE A 28 -6.05 -2.67 -0.46
N ARG A 29 -6.47 -3.64 0.37
CA ARG A 29 -6.38 -5.10 0.10
C ARG A 29 -4.94 -5.58 0.05
N GLY A 30 -4.00 -4.69 0.34
CA GLY A 30 -2.60 -4.99 0.20
C GLY A 30 -2.23 -5.05 -1.26
N MET A 31 -2.97 -4.33 -2.07
CA MET A 31 -2.74 -4.26 -3.49
C MET A 31 -2.21 -2.88 -3.83
N TYR A 32 -3.08 -1.91 -3.72
CA TYR A 32 -2.76 -0.55 -4.02
C TYR A 32 -2.97 0.30 -2.79
N CYS A 33 -2.58 1.53 -2.84
CA CYS A 33 -2.64 2.39 -1.70
C CYS A 33 -3.61 3.52 -1.94
N ALA A 34 -4.21 4.01 -0.88
CA ALA A 34 -5.10 5.13 -0.92
C ALA A 34 -4.79 6.01 0.26
N CYS A 35 -4.81 7.28 0.05
CA CYS A 35 -4.53 8.22 1.11
C CYS A 35 -5.81 8.70 1.74
N MET A 36 -5.73 9.03 3.01
CA MET A 36 -6.83 9.62 3.74
C MET A 36 -7.08 11.02 3.19
N ASN A 1 2.75 -18.36 -0.98
CA ASN A 1 1.79 -19.47 -0.97
C ASN A 1 1.67 -20.04 -2.37
N ALA A 2 1.37 -19.18 -3.32
CA ALA A 2 1.21 -19.58 -4.70
C ALA A 2 1.44 -18.36 -5.55
N PRO A 3 1.60 -18.49 -6.89
CA PRO A 3 1.71 -17.33 -7.78
C PRO A 3 0.39 -16.56 -7.75
N GLU A 4 0.38 -15.50 -7.03
CA GLU A 4 -0.81 -14.74 -6.76
C GLU A 4 -0.88 -13.53 -7.66
N PHE A 5 -2.02 -13.32 -8.26
CA PHE A 5 -2.22 -12.17 -9.12
C PHE A 5 -2.58 -11.00 -8.23
N THR A 6 -1.56 -10.31 -7.81
CA THR A 6 -1.69 -9.21 -6.94
C THR A 6 -0.62 -8.20 -7.31
N GLN A 7 -0.94 -6.95 -7.21
CA GLN A 7 0.02 -5.93 -7.48
C GLN A 7 0.60 -5.50 -6.16
N SER A 8 1.72 -6.06 -5.83
CA SER A 8 2.36 -5.82 -4.59
C SER A 8 3.13 -4.51 -4.57
N VAL A 9 2.38 -3.43 -4.44
CA VAL A 9 2.93 -2.08 -4.37
C VAL A 9 3.08 -1.70 -2.91
N CYS A 10 2.32 -2.37 -2.10
CA CYS A 10 2.25 -2.11 -0.71
C CYS A 10 2.05 -3.44 -0.03
N GLU A 11 2.44 -3.55 1.22
CA GLU A 11 2.22 -4.76 1.95
C GLU A 11 1.50 -4.45 3.27
N ARG A 12 1.86 -3.34 3.87
CA ARG A 12 1.40 -2.96 5.19
C ARG A 12 1.01 -1.49 5.22
N ASN A 13 0.28 -1.07 6.24
CA ASN A 13 -0.17 0.32 6.37
C ASN A 13 0.98 1.30 6.41
N SER A 14 2.06 0.90 7.05
CA SER A 14 3.21 1.76 7.21
C SER A 14 3.94 2.07 5.88
N ASP A 15 3.65 1.28 4.82
CA ASP A 15 4.19 1.60 3.49
C ASP A 15 3.44 2.81 3.01
N CYS A 16 2.16 2.79 3.27
CA CYS A 16 1.30 3.89 2.93
C CYS A 16 1.54 5.10 3.80
N ASP A 17 2.00 4.90 5.03
CA ASP A 17 2.39 6.03 5.87
C ASP A 17 3.57 6.76 5.25
N HIS A 18 4.37 6.01 4.52
CA HIS A 18 5.50 6.56 3.80
C HIS A 18 5.00 7.42 2.63
N PHE A 19 4.04 6.91 1.89
CA PHE A 19 3.55 7.61 0.70
C PHE A 19 2.55 8.73 1.02
N CYS A 20 1.62 8.44 1.89
CA CYS A 20 0.51 9.34 2.17
C CYS A 20 0.72 10.19 3.41
N GLY A 21 1.44 9.67 4.37
CA GLY A 21 1.65 10.40 5.58
C GLY A 21 1.27 9.57 6.77
N GLU A 22 1.80 9.92 7.92
CA GLU A 22 1.58 9.18 9.15
C GLU A 22 0.13 9.30 9.62
N GLY A 23 -0.60 8.24 9.47
CA GLY A 23 -1.98 8.22 9.88
C GLY A 23 -2.91 8.36 8.71
N PHE A 24 -2.34 8.64 7.56
CA PHE A 24 -3.11 8.85 6.36
C PHE A 24 -2.85 7.72 5.38
N GLY A 25 -2.09 6.77 5.82
CA GLY A 25 -1.71 5.68 4.97
C GLY A 25 -2.59 4.48 5.12
N HIS A 26 -3.42 4.24 4.15
CA HIS A 26 -4.31 3.12 4.18
C HIS A 26 -3.95 2.17 3.06
N CYS A 27 -3.41 1.05 3.42
CA CYS A 27 -2.98 0.09 2.44
C CYS A 27 -4.13 -0.84 2.16
N ILE A 28 -4.63 -0.81 0.95
CA ILE A 28 -5.78 -1.58 0.63
C ILE A 28 -5.38 -2.97 0.14
N ARG A 29 -5.06 -3.82 1.10
CA ARG A 29 -4.71 -5.22 0.87
C ARG A 29 -3.52 -5.41 -0.05
N GLY A 30 -2.63 -4.44 -0.03
CA GLY A 30 -1.40 -4.52 -0.79
C GLY A 30 -1.52 -4.10 -2.23
N MET A 31 -2.72 -4.24 -2.79
CA MET A 31 -2.98 -3.96 -4.21
C MET A 31 -2.71 -2.52 -4.54
N TYR A 32 -3.18 -1.63 -3.71
CA TYR A 32 -2.94 -0.24 -3.90
C TYR A 32 -2.90 0.48 -2.58
N CYS A 33 -2.35 1.64 -2.61
CA CYS A 33 -2.19 2.47 -1.47
C CYS A 33 -3.19 3.61 -1.56
N ALA A 34 -3.95 3.79 -0.54
CA ALA A 34 -4.94 4.84 -0.51
C ALA A 34 -4.56 5.86 0.54
N CYS A 35 -4.58 7.10 0.17
CA CYS A 35 -4.28 8.15 1.09
C CYS A 35 -5.59 8.67 1.65
N MET A 36 -5.58 8.98 2.93
CA MET A 36 -6.75 9.51 3.58
C MET A 36 -6.96 10.96 3.17
N ASN A 1 11.81 -17.35 -2.52
CA ASN A 1 10.87 -17.38 -3.63
C ASN A 1 9.48 -16.99 -3.16
N ALA A 2 8.93 -16.00 -3.78
CA ALA A 2 7.64 -15.51 -3.44
C ALA A 2 6.78 -15.48 -4.69
N PRO A 3 5.94 -16.50 -4.91
CA PRO A 3 5.02 -16.52 -6.03
C PRO A 3 3.83 -15.58 -5.75
N GLU A 4 4.11 -14.32 -5.90
CA GLU A 4 3.14 -13.28 -5.71
C GLU A 4 2.45 -13.03 -7.03
N PHE A 5 1.14 -13.02 -7.01
CA PHE A 5 0.36 -12.89 -8.22
C PHE A 5 -0.17 -11.50 -8.39
N THR A 6 -0.07 -10.72 -7.38
CA THR A 6 -0.63 -9.41 -7.37
C THR A 6 0.41 -8.35 -7.13
N GLN A 7 0.44 -7.36 -7.99
CA GLN A 7 1.35 -6.25 -7.83
C GLN A 7 0.90 -5.35 -6.70
N SER A 8 1.57 -5.49 -5.61
CA SER A 8 1.27 -4.76 -4.44
C SER A 8 2.10 -3.48 -4.39
N VAL A 9 1.43 -2.35 -4.27
CA VAL A 9 2.09 -1.06 -4.21
C VAL A 9 2.67 -0.88 -2.82
N CYS A 10 2.03 -1.53 -1.90
CA CYS A 10 2.43 -1.53 -0.54
C CYS A 10 2.04 -2.86 0.04
N GLU A 11 2.74 -3.30 1.02
CA GLU A 11 2.45 -4.56 1.65
C GLU A 11 1.91 -4.29 3.03
N ARG A 12 2.38 -3.23 3.60
CA ARG A 12 2.03 -2.83 4.93
C ARG A 12 1.54 -1.41 4.90
N ASN A 13 0.66 -1.09 5.80
CA ASN A 13 0.06 0.26 5.87
C ASN A 13 1.11 1.32 6.10
N SER A 14 2.12 0.96 6.83
CA SER A 14 3.22 1.81 7.14
C SER A 14 4.01 2.26 5.90
N ASP A 15 3.92 1.49 4.77
CA ASP A 15 4.58 1.92 3.52
C ASP A 15 3.92 3.21 3.10
N CYS A 16 2.61 3.18 3.16
CA CYS A 16 1.80 4.30 2.79
C CYS A 16 1.82 5.40 3.82
N ASP A 17 2.24 5.09 5.04
CA ASP A 17 2.41 6.13 6.04
C ASP A 17 3.62 6.97 5.72
N HIS A 18 4.49 6.43 4.89
CA HIS A 18 5.61 7.19 4.39
C HIS A 18 5.20 7.97 3.15
N PHE A 19 4.26 7.43 2.40
CA PHE A 19 3.80 8.11 1.18
C PHE A 19 2.79 9.20 1.49
N CYS A 20 1.69 8.78 2.08
CA CYS A 20 0.54 9.63 2.34
C CYS A 20 0.72 10.42 3.60
N GLY A 21 1.33 9.81 4.59
CA GLY A 21 1.51 10.47 5.86
C GLY A 21 1.11 9.55 6.96
N GLU A 22 1.68 9.77 8.13
CA GLU A 22 1.49 8.91 9.28
C GLU A 22 0.03 8.95 9.76
N GLY A 23 -0.69 7.89 9.46
CA GLY A 23 -2.07 7.80 9.85
C GLY A 23 -2.98 7.91 8.66
N PHE A 24 -2.41 8.26 7.54
CA PHE A 24 -3.18 8.45 6.34
C PHE A 24 -2.83 7.38 5.34
N GLY A 25 -1.89 6.54 5.71
CA GLY A 25 -1.46 5.50 4.84
C GLY A 25 -2.34 4.29 4.93
N HIS A 26 -3.05 4.03 3.87
CA HIS A 26 -3.90 2.89 3.79
C HIS A 26 -3.55 2.04 2.60
N CYS A 27 -3.59 0.77 2.80
CA CYS A 27 -3.33 -0.19 1.77
C CYS A 27 -4.57 -0.98 1.56
N ILE A 28 -5.13 -0.91 0.39
CA ILE A 28 -6.36 -1.57 0.10
C ILE A 28 -6.10 -3.05 -0.11
N ARG A 29 -6.25 -3.80 0.98
CA ARG A 29 -6.08 -5.26 1.02
C ARG A 29 -4.67 -5.70 0.60
N GLY A 30 -3.73 -4.76 0.62
CA GLY A 30 -2.38 -5.04 0.20
C GLY A 30 -2.23 -5.08 -1.30
N MET A 31 -3.12 -4.39 -1.98
CA MET A 31 -3.07 -4.27 -3.42
C MET A 31 -2.49 -2.93 -3.78
N TYR A 32 -3.31 -1.91 -3.68
CA TYR A 32 -2.89 -0.58 -4.01
C TYR A 32 -2.96 0.31 -2.79
N CYS A 33 -2.29 1.42 -2.87
CA CYS A 33 -2.20 2.33 -1.78
C CYS A 33 -3.28 3.39 -1.91
N ALA A 34 -3.82 3.83 -0.81
CA ALA A 34 -4.84 4.84 -0.79
C ALA A 34 -4.54 5.84 0.30
N CYS A 35 -4.30 7.06 -0.08
CA CYS A 35 -4.07 8.11 0.87
C CYS A 35 -5.38 8.61 1.43
N MET A 36 -5.40 8.90 2.71
CA MET A 36 -6.58 9.41 3.34
C MET A 36 -6.61 10.92 3.24
N ASN A 1 18.45 -9.96 -13.73
CA ASN A 1 17.66 -9.71 -12.53
C ASN A 1 16.72 -10.86 -12.33
N ALA A 2 16.14 -10.99 -11.16
CA ALA A 2 15.25 -12.07 -10.88
C ALA A 2 13.81 -11.61 -11.01
N PRO A 3 13.03 -12.27 -11.88
CA PRO A 3 11.62 -11.95 -12.05
C PRO A 3 10.80 -12.32 -10.83
N GLU A 4 10.37 -11.33 -10.10
CA GLU A 4 9.53 -11.54 -8.97
C GLU A 4 8.21 -10.89 -9.25
N PHE A 5 7.15 -11.53 -8.86
CA PHE A 5 5.84 -11.00 -9.07
C PHE A 5 5.16 -10.82 -7.74
N THR A 6 5.41 -9.71 -7.15
CA THR A 6 4.81 -9.36 -5.91
C THR A 6 3.90 -8.18 -6.17
N GLN A 7 2.64 -8.44 -6.36
CA GLN A 7 1.73 -7.42 -6.74
C GLN A 7 1.11 -6.73 -5.53
N SER A 8 1.92 -5.91 -4.89
CA SER A 8 1.52 -5.16 -3.75
C SER A 8 2.23 -3.81 -3.77
N VAL A 9 1.45 -2.73 -3.83
CA VAL A 9 2.03 -1.38 -3.80
C VAL A 9 2.57 -1.11 -2.39
N CYS A 10 1.96 -1.73 -1.44
CA CYS A 10 2.38 -1.64 -0.09
C CYS A 10 2.40 -3.03 0.49
N GLU A 11 3.50 -3.36 1.14
CA GLU A 11 3.68 -4.65 1.75
C GLU A 11 3.19 -4.57 3.18
N ARG A 12 3.16 -3.35 3.63
CA ARG A 12 2.83 -3.01 4.98
C ARG A 12 2.18 -1.65 4.97
N ASN A 13 1.36 -1.37 5.95
CA ASN A 13 0.65 -0.07 6.03
C ASN A 13 1.65 1.06 6.17
N SER A 14 2.76 0.76 6.79
CA SER A 14 3.79 1.73 7.03
C SER A 14 4.43 2.26 5.73
N ASP A 15 4.23 1.54 4.61
CA ASP A 15 4.69 2.02 3.30
C ASP A 15 3.86 3.22 2.94
N CYS A 16 2.57 3.08 3.11
CA CYS A 16 1.64 4.12 2.80
C CYS A 16 1.67 5.23 3.82
N ASP A 17 2.05 4.91 5.04
CA ASP A 17 2.26 5.95 6.04
C ASP A 17 3.46 6.79 5.65
N HIS A 18 4.42 6.16 5.01
CA HIS A 18 5.57 6.84 4.45
C HIS A 18 5.16 7.70 3.24
N PHE A 19 4.31 7.15 2.37
CA PHE A 19 3.85 7.86 1.17
C PHE A 19 2.89 9.01 1.50
N CYS A 20 1.78 8.65 2.11
CA CYS A 20 0.68 9.58 2.34
C CYS A 20 0.84 10.38 3.62
N GLY A 21 1.20 9.69 4.68
CA GLY A 21 1.33 10.32 5.96
C GLY A 21 0.95 9.35 7.05
N GLU A 22 1.37 9.62 8.25
CA GLU A 22 1.15 8.75 9.39
C GLU A 22 -0.35 8.70 9.73
N GLY A 23 -0.99 7.62 9.35
CA GLY A 23 -2.40 7.45 9.63
C GLY A 23 -3.24 7.90 8.47
N PHE A 24 -2.56 8.28 7.40
CA PHE A 24 -3.21 8.73 6.20
C PHE A 24 -2.92 7.75 5.10
N GLY A 25 -2.11 6.76 5.41
CA GLY A 25 -1.73 5.80 4.45
C GLY A 25 -2.54 4.55 4.58
N HIS A 26 -3.37 4.28 3.62
CA HIS A 26 -4.22 3.13 3.67
C HIS A 26 -3.93 2.17 2.55
N CYS A 27 -4.07 0.91 2.84
CA CYS A 27 -3.83 -0.14 1.87
C CYS A 27 -5.09 -0.94 1.65
N ILE A 28 -5.57 -0.93 0.45
CA ILE A 28 -6.76 -1.67 0.13
C ILE A 28 -6.36 -3.09 -0.21
N ARG A 29 -6.48 -3.98 0.79
CA ARG A 29 -6.20 -5.42 0.67
C ARG A 29 -4.72 -5.66 0.38
N GLY A 30 -3.90 -4.65 0.64
CA GLY A 30 -2.48 -4.72 0.36
C GLY A 30 -2.17 -4.58 -1.12
N MET A 31 -3.20 -4.42 -1.93
CA MET A 31 -3.04 -4.33 -3.36
C MET A 31 -2.60 -2.95 -3.77
N TYR A 32 -3.45 -1.98 -3.50
CA TYR A 32 -3.16 -0.62 -3.85
C TYR A 32 -3.23 0.28 -2.65
N CYS A 33 -2.64 1.42 -2.78
CA CYS A 33 -2.51 2.36 -1.69
C CYS A 33 -3.49 3.52 -1.88
N ALA A 34 -3.93 4.11 -0.80
CA ALA A 34 -4.80 5.26 -0.84
C ALA A 34 -4.38 6.23 0.24
N CYS A 35 -4.44 7.49 -0.07
CA CYS A 35 -4.10 8.52 0.88
C CYS A 35 -5.35 9.19 1.38
N MET A 36 -5.43 9.38 2.67
CA MET A 36 -6.57 10.03 3.27
C MET A 36 -6.34 11.54 3.28
N ASN A 1 -12.17 -14.14 -18.34
CA ASN A 1 -11.63 -14.72 -17.10
C ASN A 1 -10.19 -15.07 -17.31
N ALA A 2 -9.33 -14.55 -16.44
CA ALA A 2 -7.91 -14.79 -16.50
C ALA A 2 -7.30 -14.40 -15.17
N PRO A 3 -6.20 -15.06 -14.75
CA PRO A 3 -5.50 -14.72 -13.52
C PRO A 3 -4.91 -13.30 -13.60
N GLU A 4 -5.35 -12.44 -12.74
CA GLU A 4 -4.86 -11.11 -12.74
C GLU A 4 -3.81 -10.94 -11.66
N PHE A 5 -2.80 -10.19 -11.98
CA PHE A 5 -1.69 -9.97 -11.09
C PHE A 5 -1.49 -8.47 -10.96
N THR A 6 -1.52 -7.99 -9.75
CA THR A 6 -1.38 -6.59 -9.47
C THR A 6 -0.23 -6.37 -8.49
N GLN A 7 0.66 -5.48 -8.83
CA GLN A 7 1.82 -5.16 -8.01
C GLN A 7 1.37 -4.59 -6.68
N SER A 8 2.07 -4.95 -5.65
CA SER A 8 1.82 -4.48 -4.33
C SER A 8 2.46 -3.11 -4.12
N VAL A 9 1.65 -2.08 -4.06
CA VAL A 9 2.14 -0.73 -3.82
C VAL A 9 2.62 -0.63 -2.38
N CYS A 10 1.96 -1.35 -1.52
CA CYS A 10 2.30 -1.37 -0.13
C CYS A 10 2.13 -2.77 0.38
N GLU A 11 2.87 -3.10 1.39
CA GLU A 11 2.76 -4.39 2.03
C GLU A 11 2.12 -4.19 3.39
N ARG A 12 2.55 -3.16 4.07
CA ARG A 12 2.03 -2.82 5.37
C ARG A 12 1.58 -1.37 5.37
N ASN A 13 0.86 -0.97 6.40
CA ASN A 13 0.31 0.39 6.47
C ASN A 13 1.38 1.44 6.54
N SER A 14 2.49 1.11 7.18
CA SER A 14 3.59 2.04 7.30
C SER A 14 4.21 2.36 5.94
N ASP A 15 4.04 1.46 4.95
CA ASP A 15 4.48 1.77 3.59
C ASP A 15 3.70 2.96 3.09
N CYS A 16 2.42 2.93 3.33
CA CYS A 16 1.55 4.01 2.95
C CYS A 16 1.71 5.22 3.83
N ASP A 17 2.11 5.03 5.07
CA ASP A 17 2.41 6.17 5.94
C ASP A 17 3.67 6.88 5.45
N HIS A 18 4.46 6.18 4.67
CA HIS A 18 5.64 6.75 4.03
C HIS A 18 5.23 7.55 2.78
N PHE A 19 4.29 6.99 2.02
CA PHE A 19 3.85 7.63 0.79
C PHE A 19 2.89 8.79 1.08
N CYS A 20 1.85 8.51 1.82
CA CYS A 20 0.80 9.48 2.09
C CYS A 20 1.20 10.37 3.27
N GLY A 21 1.38 9.75 4.41
CA GLY A 21 1.71 10.46 5.62
C GLY A 21 1.29 9.62 6.80
N GLU A 22 1.86 9.86 7.96
CA GLU A 22 1.57 9.06 9.14
C GLU A 22 0.13 9.24 9.58
N GLY A 23 -0.62 8.18 9.46
CA GLY A 23 -1.99 8.18 9.86
C GLY A 23 -2.88 8.40 8.69
N PHE A 24 -2.27 8.54 7.54
CA PHE A 24 -2.97 8.77 6.32
C PHE A 24 -2.73 7.65 5.35
N GLY A 25 -1.96 6.68 5.78
CA GLY A 25 -1.66 5.58 4.94
C GLY A 25 -2.58 4.38 5.14
N HIS A 26 -3.33 4.06 4.10
CA HIS A 26 -4.19 2.89 4.10
C HIS A 26 -3.85 2.05 2.88
N CYS A 27 -4.08 0.78 2.98
CA CYS A 27 -3.85 -0.13 1.87
C CYS A 27 -5.14 -0.80 1.53
N ILE A 28 -5.33 -1.08 0.27
CA ILE A 28 -6.50 -1.79 -0.16
C ILE A 28 -6.08 -3.16 -0.70
N ARG A 29 -6.31 -4.18 0.13
CA ARG A 29 -6.03 -5.60 -0.18
C ARG A 29 -4.56 -5.84 -0.49
N GLY A 30 -3.69 -4.96 0.00
CA GLY A 30 -2.25 -5.06 -0.28
C GLY A 30 -1.93 -4.86 -1.75
N MET A 31 -2.88 -4.32 -2.48
CA MET A 31 -2.72 -4.09 -3.88
C MET A 31 -2.26 -2.67 -4.09
N TYR A 32 -3.16 -1.75 -3.87
CA TYR A 32 -2.88 -0.36 -4.05
C TYR A 32 -3.00 0.41 -2.75
N CYS A 33 -2.49 1.60 -2.74
CA CYS A 33 -2.43 2.40 -1.56
C CYS A 33 -3.50 3.48 -1.61
N ALA A 34 -4.13 3.72 -0.50
CA ALA A 34 -5.17 4.71 -0.40
C ALA A 34 -4.81 5.73 0.67
N CYS A 35 -4.59 6.93 0.26
CA CYS A 35 -4.26 7.99 1.16
C CYS A 35 -5.53 8.58 1.76
N MET A 36 -5.51 8.77 3.05
CA MET A 36 -6.62 9.38 3.75
C MET A 36 -6.66 10.85 3.40
N ASN A 1 -6.64 -20.79 -17.46
CA ASN A 1 -5.82 -19.59 -17.68
C ASN A 1 -4.61 -19.68 -16.80
N ALA A 2 -3.73 -18.72 -16.90
CA ALA A 2 -2.58 -18.66 -16.06
C ALA A 2 -2.79 -17.57 -15.03
N PRO A 3 -2.35 -17.78 -13.79
CA PRO A 3 -2.44 -16.76 -12.74
C PRO A 3 -1.68 -15.51 -13.16
N GLU A 4 -2.18 -14.39 -12.79
CA GLU A 4 -1.55 -13.16 -13.15
C GLU A 4 -0.71 -12.75 -11.97
N PHE A 5 0.56 -12.57 -12.20
CA PHE A 5 1.47 -12.16 -11.16
C PHE A 5 1.18 -10.72 -10.80
N THR A 6 0.68 -10.52 -9.62
CA THR A 6 0.31 -9.23 -9.19
C THR A 6 1.42 -8.60 -8.40
N GLN A 7 1.63 -7.37 -8.64
CA GLN A 7 2.63 -6.61 -7.93
C GLN A 7 1.97 -5.62 -7.02
N SER A 8 2.09 -5.85 -5.77
CA SER A 8 1.55 -4.98 -4.77
C SER A 8 2.46 -3.78 -4.57
N VAL A 9 1.89 -2.63 -4.30
CA VAL A 9 2.69 -1.46 -3.99
C VAL A 9 2.81 -1.36 -2.47
N CYS A 10 2.02 -2.14 -1.81
CA CYS A 10 1.96 -2.14 -0.40
C CYS A 10 2.28 -3.52 0.16
N GLU A 11 3.24 -3.56 1.03
CA GLU A 11 3.63 -4.78 1.67
C GLU A 11 2.99 -4.77 3.05
N ARG A 12 2.99 -3.60 3.65
CA ARG A 12 2.41 -3.39 4.95
C ARG A 12 1.69 -2.06 4.97
N ASN A 13 0.71 -1.91 5.86
CA ASN A 13 -0.13 -0.70 5.90
C ASN A 13 0.71 0.55 6.09
N SER A 14 1.78 0.42 6.86
CA SER A 14 2.68 1.51 7.14
C SER A 14 3.46 1.99 5.90
N ASP A 15 3.45 1.21 4.79
CA ASP A 15 4.03 1.70 3.52
C ASP A 15 3.31 2.93 3.08
N CYS A 16 2.02 2.93 3.29
CA CYS A 16 1.19 4.04 2.93
C CYS A 16 1.43 5.25 3.81
N ASP A 17 1.97 5.03 4.98
CA ASP A 17 2.29 6.13 5.87
C ASP A 17 3.52 6.86 5.36
N HIS A 18 4.30 6.18 4.57
CA HIS A 18 5.48 6.77 3.98
C HIS A 18 5.08 7.68 2.84
N PHE A 19 4.08 7.26 2.09
CA PHE A 19 3.64 8.02 0.93
C PHE A 19 2.60 9.06 1.30
N CYS A 20 1.56 8.63 1.96
CA CYS A 20 0.41 9.46 2.26
C CYS A 20 0.61 10.25 3.55
N GLY A 21 1.53 9.81 4.37
CA GLY A 21 1.76 10.47 5.61
C GLY A 21 1.26 9.65 6.77
N GLU A 22 1.90 9.80 7.90
CA GLU A 22 1.58 9.05 9.11
C GLU A 22 0.14 9.28 9.54
N GLY A 23 -0.65 8.23 9.46
CA GLY A 23 -2.03 8.29 9.87
C GLY A 23 -2.95 8.56 8.71
N PHE A 24 -2.38 8.77 7.55
CA PHE A 24 -3.17 9.05 6.38
C PHE A 24 -2.96 7.95 5.38
N GLY A 25 -2.20 6.96 5.80
CA GLY A 25 -1.87 5.89 4.94
C GLY A 25 -2.77 4.69 5.15
N HIS A 26 -3.53 4.36 4.15
CA HIS A 26 -4.42 3.23 4.23
C HIS A 26 -4.11 2.27 3.12
N CYS A 27 -3.71 1.11 3.47
CA CYS A 27 -3.36 0.11 2.50
C CYS A 27 -4.58 -0.71 2.17
N ILE A 28 -4.88 -0.86 0.90
CA ILE A 28 -6.06 -1.59 0.51
C ILE A 28 -5.66 -2.96 -0.05
N ARG A 29 -5.69 -3.97 0.84
CA ARG A 29 -5.41 -5.39 0.54
C ARG A 29 -3.99 -5.63 0.04
N GLY A 30 -3.12 -4.64 0.20
CA GLY A 30 -1.75 -4.74 -0.26
C GLY A 30 -1.61 -4.30 -1.70
N MET A 31 -2.71 -4.36 -2.43
CA MET A 31 -2.76 -4.08 -3.86
C MET A 31 -2.36 -2.64 -4.13
N TYR A 32 -3.20 -1.74 -3.68
CA TYR A 32 -2.98 -0.35 -3.91
C TYR A 32 -2.99 0.43 -2.61
N CYS A 33 -2.44 1.60 -2.67
CA CYS A 33 -2.31 2.45 -1.53
C CYS A 33 -3.32 3.57 -1.61
N ALA A 34 -3.99 3.82 -0.51
CA ALA A 34 -4.98 4.85 -0.43
C ALA A 34 -4.51 5.92 0.53
N CYS A 35 -4.56 7.13 0.09
CA CYS A 35 -4.14 8.25 0.89
C CYS A 35 -5.36 8.99 1.41
N MET A 36 -5.39 9.27 2.68
CA MET A 36 -6.48 10.01 3.26
C MET A 36 -6.18 11.50 3.15
N ASN A 1 -1.51 8.95 -13.75
CA ASN A 1 -0.38 8.23 -14.35
C ASN A 1 -0.81 6.81 -14.58
N ALA A 2 -0.34 6.21 -15.65
CA ALA A 2 -0.70 4.86 -15.99
C ALA A 2 0.52 3.95 -15.91
N PRO A 3 0.67 3.20 -14.81
CA PRO A 3 1.76 2.26 -14.65
C PRO A 3 1.37 0.87 -15.15
N GLU A 4 1.94 0.44 -16.25
CA GLU A 4 1.62 -0.86 -16.78
C GLU A 4 2.53 -1.89 -16.16
N PHE A 5 2.07 -2.46 -15.08
CA PHE A 5 2.76 -3.47 -14.33
C PHE A 5 1.71 -4.32 -13.72
N THR A 6 2.11 -5.34 -13.07
CA THR A 6 1.22 -6.15 -12.30
C THR A 6 1.90 -6.40 -10.97
N GLN A 7 1.89 -5.40 -10.13
CA GLN A 7 2.56 -5.43 -8.85
C GLN A 7 1.71 -4.77 -7.79
N SER A 8 2.09 -4.94 -6.56
CA SER A 8 1.40 -4.32 -5.48
C SER A 8 2.16 -3.07 -5.05
N VAL A 9 1.44 -2.04 -4.69
CA VAL A 9 2.06 -0.78 -4.30
C VAL A 9 2.54 -0.89 -2.85
N CYS A 10 1.87 -1.70 -2.09
CA CYS A 10 2.18 -1.89 -0.70
C CYS A 10 1.65 -3.23 -0.27
N GLU A 11 2.11 -3.69 0.86
CA GLU A 11 1.56 -4.86 1.52
C GLU A 11 1.06 -4.44 2.90
N ARG A 12 1.83 -3.58 3.50
CA ARG A 12 1.58 -3.08 4.82
C ARG A 12 1.16 -1.61 4.75
N ASN A 13 0.45 -1.14 5.77
CA ASN A 13 -0.02 0.25 5.76
C ASN A 13 1.12 1.19 6.07
N SER A 14 2.08 0.69 6.79
CA SER A 14 3.23 1.47 7.20
C SER A 14 4.02 2.07 6.02
N ASP A 15 3.97 1.44 4.84
CA ASP A 15 4.58 2.07 3.63
C ASP A 15 3.80 3.28 3.24
N CYS A 16 2.49 3.15 3.30
CA CYS A 16 1.58 4.22 2.98
C CYS A 16 1.68 5.36 3.98
N ASP A 17 2.10 5.03 5.19
CA ASP A 17 2.33 6.06 6.22
C ASP A 17 3.54 6.91 5.87
N HIS A 18 4.31 6.47 4.91
CA HIS A 18 5.41 7.27 4.39
C HIS A 18 4.98 7.96 3.11
N PHE A 19 4.18 7.26 2.31
CA PHE A 19 3.69 7.83 1.06
C PHE A 19 2.68 8.95 1.29
N CYS A 20 1.64 8.66 2.01
CA CYS A 20 0.54 9.58 2.22
C CYS A 20 0.76 10.43 3.45
N GLY A 21 1.48 9.88 4.38
CA GLY A 21 1.69 10.55 5.62
C GLY A 21 1.26 9.66 6.73
N GLU A 22 1.86 9.80 7.87
CA GLU A 22 1.58 8.95 9.00
C GLU A 22 0.17 9.17 9.48
N GLY A 23 -0.62 8.14 9.42
CA GLY A 23 -1.97 8.23 9.87
C GLY A 23 -2.91 8.46 8.72
N PHE A 24 -2.34 8.66 7.56
CA PHE A 24 -3.13 8.90 6.37
C PHE A 24 -2.84 7.83 5.34
N GLY A 25 -2.07 6.85 5.75
CA GLY A 25 -1.70 5.81 4.86
C GLY A 25 -2.57 4.59 4.99
N HIS A 26 -3.31 4.29 3.96
CA HIS A 26 -4.15 3.13 3.93
C HIS A 26 -3.70 2.20 2.82
N CYS A 27 -3.44 0.97 3.16
CA CYS A 27 -3.05 0.00 2.17
C CYS A 27 -4.20 -0.95 1.98
N ILE A 28 -4.69 -1.03 0.78
CA ILE A 28 -5.85 -1.81 0.50
C ILE A 28 -5.47 -3.23 0.12
N ARG A 29 -5.49 -4.10 1.12
CA ARG A 29 -5.32 -5.57 0.97
C ARG A 29 -4.00 -5.95 0.27
N GLY A 30 -3.03 -5.07 0.35
CA GLY A 30 -1.77 -5.32 -0.31
C GLY A 30 -1.88 -5.25 -1.82
N MET A 31 -2.79 -4.44 -2.30
CA MET A 31 -2.92 -4.24 -3.74
C MET A 31 -2.45 -2.85 -4.09
N TYR A 32 -3.16 -1.85 -3.63
CA TYR A 32 -2.83 -0.49 -3.92
C TYR A 32 -2.84 0.35 -2.66
N CYS A 33 -2.24 1.50 -2.74
CA CYS A 33 -2.11 2.37 -1.61
C CYS A 33 -3.01 3.59 -1.80
N ALA A 34 -3.76 3.93 -0.79
CA ALA A 34 -4.67 5.06 -0.85
C ALA A 34 -4.40 5.99 0.30
N CYS A 35 -4.52 7.24 0.05
CA CYS A 35 -4.28 8.23 1.05
C CYS A 35 -5.59 8.66 1.70
N MET A 36 -5.53 9.00 2.97
CA MET A 36 -6.69 9.46 3.70
C MET A 36 -6.90 10.93 3.45
N ASN A 1 4.74 -23.20 -11.76
CA ASN A 1 4.83 -23.13 -13.22
C ASN A 1 4.92 -21.68 -13.66
N ALA A 2 3.82 -20.97 -13.60
CA ALA A 2 3.82 -19.58 -13.95
C ALA A 2 3.79 -18.77 -12.66
N PRO A 3 4.87 -18.06 -12.34
CA PRO A 3 4.94 -17.29 -11.14
C PRO A 3 4.14 -15.99 -11.28
N GLU A 4 3.05 -15.91 -10.58
CA GLU A 4 2.23 -14.74 -10.60
C GLU A 4 2.79 -13.76 -9.60
N PHE A 5 2.80 -12.52 -9.96
CA PHE A 5 3.30 -11.50 -9.11
C PHE A 5 2.30 -10.40 -9.02
N THR A 6 1.43 -10.53 -8.08
CA THR A 6 0.48 -9.53 -7.82
C THR A 6 1.16 -8.54 -6.89
N GLN A 7 1.86 -7.62 -7.50
CA GLN A 7 2.69 -6.70 -6.77
C GLN A 7 1.86 -5.66 -6.08
N SER A 8 2.05 -5.57 -4.82
CA SER A 8 1.39 -4.60 -4.04
C SER A 8 2.25 -3.35 -3.91
N VAL A 9 1.61 -2.20 -3.78
CA VAL A 9 2.32 -0.94 -3.63
C VAL A 9 2.91 -0.86 -2.23
N CYS A 10 2.29 -1.56 -1.34
CA CYS A 10 2.70 -1.62 0.02
C CYS A 10 2.67 -3.06 0.46
N GLU A 11 3.60 -3.43 1.28
CA GLU A 11 3.64 -4.77 1.82
C GLU A 11 3.07 -4.70 3.22
N ARG A 12 3.18 -3.54 3.80
CA ARG A 12 2.65 -3.24 5.09
C ARG A 12 1.90 -1.94 4.99
N ASN A 13 1.00 -1.69 5.91
CA ASN A 13 0.16 -0.49 5.84
C ASN A 13 0.99 0.76 6.10
N SER A 14 2.02 0.61 6.91
CA SER A 14 2.89 1.71 7.23
C SER A 14 3.74 2.18 6.03
N ASP A 15 3.73 1.41 4.91
CA ASP A 15 4.37 1.86 3.68
C ASP A 15 3.60 3.05 3.17
N CYS A 16 2.29 2.98 3.34
CA CYS A 16 1.41 4.04 2.93
C CYS A 16 1.56 5.25 3.82
N ASP A 17 2.06 5.03 5.02
CA ASP A 17 2.36 6.13 5.94
C ASP A 17 3.54 6.92 5.43
N HIS A 18 4.40 6.26 4.69
CA HIS A 18 5.52 6.90 4.07
C HIS A 18 5.03 7.75 2.88
N PHE A 19 4.05 7.24 2.17
CA PHE A 19 3.53 7.93 1.00
C PHE A 19 2.59 9.07 1.38
N CYS A 20 1.54 8.74 2.09
CA CYS A 20 0.45 9.67 2.37
C CYS A 20 0.59 10.38 3.70
N GLY A 21 1.66 10.14 4.39
CA GLY A 21 1.81 10.74 5.69
C GLY A 21 1.39 9.76 6.75
N GLU A 22 2.00 9.83 7.90
CA GLU A 22 1.78 8.87 8.94
C GLU A 22 0.40 9.03 9.56
N GLY A 23 -0.44 8.08 9.30
CA GLY A 23 -1.78 8.09 9.81
C GLY A 23 -2.76 8.33 8.71
N PHE A 24 -2.27 8.68 7.54
CA PHE A 24 -3.12 8.98 6.42
C PHE A 24 -2.92 7.95 5.32
N GLY A 25 -2.13 6.95 5.60
CA GLY A 25 -1.88 5.95 4.61
C GLY A 25 -2.67 4.69 4.84
N HIS A 26 -3.35 4.22 3.80
CA HIS A 26 -4.12 3.00 3.89
C HIS A 26 -3.84 2.09 2.70
N CYS A 27 -3.55 0.85 2.99
CA CYS A 27 -3.38 -0.16 1.96
C CYS A 27 -4.72 -0.72 1.58
N ILE A 28 -5.07 -0.64 0.32
CA ILE A 28 -6.33 -1.14 -0.12
C ILE A 28 -6.19 -2.61 -0.45
N ARG A 29 -6.58 -3.43 0.53
CA ARG A 29 -6.57 -4.91 0.44
C ARG A 29 -5.18 -5.49 0.20
N GLY A 30 -4.17 -4.67 0.42
CA GLY A 30 -2.81 -5.07 0.17
C GLY A 30 -2.53 -5.17 -1.31
N MET A 31 -3.18 -4.32 -2.05
CA MET A 31 -2.95 -4.24 -3.47
C MET A 31 -2.33 -2.91 -3.79
N TYR A 32 -3.13 -1.88 -3.74
CA TYR A 32 -2.63 -0.57 -4.02
C TYR A 32 -2.72 0.29 -2.79
N CYS A 33 -2.12 1.44 -2.85
CA CYS A 33 -2.04 2.31 -1.72
C CYS A 33 -2.92 3.52 -1.97
N ALA A 34 -3.63 3.95 -0.95
CA ALA A 34 -4.48 5.11 -1.04
C ALA A 34 -4.30 5.95 0.20
N CYS A 35 -4.65 7.20 0.11
CA CYS A 35 -4.50 8.12 1.21
C CYS A 35 -5.86 8.41 1.83
N MET A 36 -5.87 8.70 3.11
CA MET A 36 -7.09 9.05 3.81
C MET A 36 -7.39 10.52 3.61
N ASN A 1 -3.32 -18.26 -14.15
CA ASN A 1 -3.96 -17.03 -14.61
C ASN A 1 -3.31 -15.88 -13.89
N ALA A 2 -3.50 -14.68 -14.38
CA ALA A 2 -2.93 -13.52 -13.75
C ALA A 2 -4.03 -12.65 -13.21
N PRO A 3 -4.07 -12.44 -11.89
CA PRO A 3 -5.05 -11.55 -11.27
C PRO A 3 -4.90 -10.12 -11.80
N GLU A 4 -5.99 -9.40 -11.90
CA GLU A 4 -5.98 -8.05 -12.45
C GLU A 4 -5.19 -7.12 -11.52
N PHE A 5 -5.41 -7.31 -10.29
CA PHE A 5 -4.79 -6.52 -9.24
C PHE A 5 -3.61 -7.30 -8.66
N THR A 6 -2.90 -8.01 -9.52
CA THR A 6 -1.78 -8.84 -9.11
C THR A 6 -0.56 -7.99 -8.73
N GLN A 7 -0.67 -6.73 -8.99
CA GLN A 7 0.36 -5.80 -8.67
C GLN A 7 0.13 -5.29 -7.27
N SER A 8 0.85 -5.82 -6.35
CA SER A 8 0.79 -5.38 -5.02
C SER A 8 1.89 -4.37 -4.76
N VAL A 9 1.53 -3.10 -4.85
CA VAL A 9 2.45 -2.02 -4.68
C VAL A 9 2.69 -1.74 -3.20
N CYS A 10 1.91 -2.39 -2.39
CA CYS A 10 1.97 -2.20 -0.99
C CYS A 10 2.01 -3.54 -0.28
N GLU A 11 2.60 -3.54 0.88
CA GLU A 11 2.70 -4.70 1.71
C GLU A 11 2.09 -4.44 3.08
N ARG A 12 2.16 -3.19 3.54
CA ARG A 12 1.78 -2.86 4.90
C ARG A 12 1.45 -1.37 5.05
N ASN A 13 0.53 -1.08 5.96
CA ASN A 13 0.08 0.31 6.26
C ASN A 13 1.22 1.20 6.66
N SER A 14 2.20 0.64 7.35
CA SER A 14 3.33 1.40 7.83
C SER A 14 4.13 2.05 6.68
N ASP A 15 4.16 1.39 5.52
CA ASP A 15 4.82 1.96 4.34
C ASP A 15 3.96 3.03 3.73
N CYS A 16 2.67 2.83 3.81
CA CYS A 16 1.72 3.80 3.31
C CYS A 16 1.78 5.09 4.11
N ASP A 17 2.28 5.00 5.32
CA ASP A 17 2.46 6.17 6.15
C ASP A 17 3.54 7.07 5.57
N HIS A 18 4.48 6.51 4.83
CA HIS A 18 5.46 7.35 4.19
C HIS A 18 5.05 7.67 2.76
N PHE A 19 4.24 6.79 2.17
CA PHE A 19 3.71 7.00 0.81
C PHE A 19 2.77 8.20 0.82
N CYS A 20 1.92 8.25 1.81
CA CYS A 20 0.95 9.29 1.94
C CYS A 20 1.33 10.22 3.08
N GLY A 21 1.00 9.80 4.27
CA GLY A 21 1.20 10.56 5.45
C GLY A 21 0.96 9.65 6.58
N GLU A 22 1.50 9.96 7.71
CA GLU A 22 1.42 9.09 8.85
C GLU A 22 0.04 9.12 9.43
N GLY A 23 -0.67 8.04 9.25
CA GLY A 23 -2.03 7.95 9.69
C GLY A 23 -2.98 8.18 8.56
N PHE A 24 -2.43 8.46 7.38
CA PHE A 24 -3.23 8.70 6.21
C PHE A 24 -2.94 7.65 5.18
N GLY A 25 -2.03 6.77 5.52
CA GLY A 25 -1.65 5.74 4.62
C GLY A 25 -2.45 4.50 4.84
N HIS A 26 -3.46 4.33 4.03
CA HIS A 26 -4.30 3.16 4.13
C HIS A 26 -4.02 2.22 3.00
N CYS A 27 -3.37 1.15 3.31
CA CYS A 27 -3.04 0.14 2.35
C CYS A 27 -4.27 -0.72 2.20
N ILE A 28 -4.70 -0.95 0.99
CA ILE A 28 -5.90 -1.72 0.78
C ILE A 28 -5.57 -3.02 0.08
N ARG A 29 -5.46 -4.08 0.87
CA ARG A 29 -5.25 -5.45 0.40
C ARG A 29 -3.89 -5.62 -0.29
N GLY A 30 -3.01 -4.64 -0.10
CA GLY A 30 -1.69 -4.66 -0.69
C GLY A 30 -1.67 -4.23 -2.16
N MET A 31 -2.81 -4.29 -2.79
CA MET A 31 -2.96 -4.02 -4.22
C MET A 31 -2.68 -2.56 -4.49
N TYR A 32 -3.32 -1.73 -3.72
CA TYR A 32 -3.21 -0.31 -3.85
C TYR A 32 -3.21 0.34 -2.49
N CYS A 33 -2.95 1.62 -2.46
CA CYS A 33 -2.86 2.35 -1.23
C CYS A 33 -3.58 3.67 -1.39
N ALA A 34 -4.51 3.93 -0.52
CA ALA A 34 -5.32 5.11 -0.61
C ALA A 34 -4.93 6.10 0.50
N CYS A 35 -4.55 7.28 0.09
CA CYS A 35 -4.18 8.31 1.03
C CYS A 35 -5.43 9.00 1.53
N MET A 36 -5.60 9.05 2.83
CA MET A 36 -6.76 9.64 3.45
C MET A 36 -6.77 11.16 3.27
N ASN A 1 18.14 -16.33 4.71
CA ASN A 1 16.91 -15.58 4.45
C ASN A 1 15.99 -16.39 3.57
N ALA A 2 14.74 -16.01 3.53
CA ALA A 2 13.77 -16.67 2.70
C ALA A 2 13.34 -15.70 1.62
N PRO A 3 13.40 -16.10 0.33
CA PRO A 3 12.96 -15.24 -0.79
C PRO A 3 11.51 -14.79 -0.64
N GLU A 4 11.35 -13.55 -0.31
CA GLU A 4 10.07 -12.94 -0.09
C GLU A 4 9.92 -11.79 -1.06
N PHE A 5 8.98 -11.88 -1.95
CA PHE A 5 8.84 -10.89 -2.99
C PHE A 5 7.73 -9.92 -2.69
N THR A 6 7.99 -8.66 -2.89
CA THR A 6 7.03 -7.63 -2.67
C THR A 6 6.12 -7.51 -3.90
N GLN A 7 5.11 -8.35 -3.93
CA GLN A 7 4.19 -8.43 -5.05
C GLN A 7 2.92 -7.69 -4.74
N SER A 8 3.04 -6.87 -3.76
CA SER A 8 2.00 -6.02 -3.29
C SER A 8 2.58 -4.63 -3.19
N VAL A 9 1.74 -3.62 -3.22
CA VAL A 9 2.21 -2.26 -3.06
C VAL A 9 2.69 -2.03 -1.64
N CYS A 10 1.97 -2.55 -0.70
CA CYS A 10 2.30 -2.46 0.67
C CYS A 10 1.55 -3.54 1.43
N GLU A 11 2.17 -4.06 2.45
CA GLU A 11 1.53 -5.00 3.34
C GLU A 11 0.99 -4.22 4.52
N ARG A 12 1.82 -3.32 4.98
CA ARG A 12 1.55 -2.60 6.19
C ARG A 12 1.25 -1.16 5.88
N ASN A 13 0.52 -0.54 6.77
CA ASN A 13 0.06 0.83 6.62
C ASN A 13 1.21 1.81 6.68
N SER A 14 2.24 1.47 7.43
CA SER A 14 3.37 2.33 7.62
C SER A 14 4.13 2.59 6.31
N ASP A 15 4.06 1.65 5.36
CA ASP A 15 4.69 1.86 4.06
C ASP A 15 3.99 2.94 3.29
N CYS A 16 2.69 3.03 3.48
CA CYS A 16 1.92 4.06 2.84
C CYS A 16 2.05 5.39 3.55
N ASP A 17 2.59 5.35 4.75
CA ASP A 17 2.85 6.58 5.50
C ASP A 17 3.87 7.41 4.79
N HIS A 18 4.75 6.73 4.07
CA HIS A 18 5.79 7.40 3.27
C HIS A 18 5.15 8.16 2.10
N PHE A 19 3.95 7.78 1.73
CA PHE A 19 3.28 8.39 0.59
C PHE A 19 2.25 9.41 1.04
N CYS A 20 1.34 8.96 1.85
CA CYS A 20 0.18 9.75 2.24
C CYS A 20 0.39 10.54 3.52
N GLY A 21 1.38 10.16 4.29
CA GLY A 21 1.60 10.79 5.57
C GLY A 21 1.42 9.77 6.65
N GLU A 22 2.08 9.97 7.76
CA GLU A 22 2.06 9.04 8.87
C GLU A 22 0.69 8.95 9.50
N GLY A 23 0.06 7.81 9.30
CA GLY A 23 -1.23 7.57 9.85
C GLY A 23 -2.28 7.77 8.80
N PHE A 24 -1.86 8.19 7.64
CA PHE A 24 -2.78 8.43 6.55
C PHE A 24 -2.58 7.41 5.46
N GLY A 25 -1.71 6.47 5.71
CA GLY A 25 -1.44 5.45 4.74
C GLY A 25 -2.31 4.22 4.92
N HIS A 26 -3.07 3.87 3.90
CA HIS A 26 -3.91 2.67 3.92
C HIS A 26 -3.59 1.77 2.72
N CYS A 27 -3.55 0.50 2.96
CA CYS A 27 -3.31 -0.48 1.91
C CYS A 27 -4.62 -1.14 1.52
N ILE A 28 -4.98 -1.04 0.26
CA ILE A 28 -6.22 -1.64 -0.19
C ILE A 28 -5.93 -2.98 -0.82
N ARG A 29 -6.04 -4.03 -0.01
CA ARG A 29 -5.91 -5.44 -0.45
C ARG A 29 -4.52 -5.75 -1.04
N GLY A 30 -3.59 -4.82 -0.85
CA GLY A 30 -2.25 -4.96 -1.34
C GLY A 30 -2.10 -4.50 -2.77
N MET A 31 -3.22 -4.23 -3.43
CA MET A 31 -3.22 -3.87 -4.84
C MET A 31 -2.82 -2.45 -5.07
N TYR A 32 -3.23 -1.56 -4.20
CA TYR A 32 -2.87 -0.19 -4.29
C TYR A 32 -2.87 0.46 -2.94
N CYS A 33 -2.27 1.60 -2.88
CA CYS A 33 -2.20 2.37 -1.67
C CYS A 33 -3.27 3.44 -1.73
N ALA A 34 -3.83 3.77 -0.61
CA ALA A 34 -4.83 4.80 -0.53
C ALA A 34 -4.50 5.72 0.59
N CYS A 35 -4.76 6.97 0.39
CA CYS A 35 -4.51 7.97 1.39
C CYS A 35 -5.79 8.20 2.17
N MET A 36 -5.67 8.25 3.47
CA MET A 36 -6.78 8.47 4.37
C MET A 36 -7.28 9.89 4.23
N ASN A 1 11.06 -18.98 -7.21
CA ASN A 1 10.94 -18.36 -8.52
C ASN A 1 9.81 -17.35 -8.55
N ALA A 2 8.59 -17.80 -8.37
CA ALA A 2 7.46 -16.92 -8.41
C ALA A 2 6.70 -16.98 -7.10
N PRO A 3 6.21 -15.85 -6.61
CA PRO A 3 5.44 -15.82 -5.38
C PRO A 3 4.06 -16.42 -5.59
N GLU A 4 3.64 -17.23 -4.66
CA GLU A 4 2.34 -17.89 -4.73
C GLU A 4 1.29 -16.98 -4.04
N PHE A 5 1.51 -15.70 -4.17
CA PHE A 5 0.74 -14.69 -3.55
C PHE A 5 0.81 -13.53 -4.49
N THR A 6 -0.21 -12.77 -4.60
CA THR A 6 -0.14 -11.66 -5.45
C THR A 6 0.51 -10.52 -4.68
N GLN A 7 1.71 -10.16 -5.12
CA GLN A 7 2.54 -9.12 -4.48
C GLN A 7 1.77 -7.81 -4.32
N SER A 8 1.80 -7.29 -3.14
CA SER A 8 1.14 -6.07 -2.82
C SER A 8 2.10 -4.89 -3.00
N VAL A 9 1.56 -3.68 -3.17
CA VAL A 9 2.38 -2.48 -3.32
C VAL A 9 2.94 -2.08 -1.96
N CYS A 10 2.21 -2.45 -0.94
CA CYS A 10 2.59 -2.22 0.41
C CYS A 10 2.33 -3.48 1.19
N GLU A 11 3.25 -3.86 2.02
CA GLU A 11 3.06 -5.05 2.84
C GLU A 11 2.69 -4.62 4.24
N ARG A 12 2.95 -3.38 4.52
CA ARG A 12 2.70 -2.80 5.81
C ARG A 12 2.13 -1.42 5.61
N ASN A 13 1.36 -0.94 6.56
CA ASN A 13 0.74 0.39 6.44
C ASN A 13 1.79 1.46 6.46
N SER A 14 2.92 1.16 7.07
CA SER A 14 4.00 2.08 7.18
C SER A 14 4.60 2.45 5.81
N ASP A 15 4.42 1.57 4.80
CA ASP A 15 4.83 1.91 3.41
C ASP A 15 4.06 3.14 3.01
N CYS A 16 2.77 3.04 3.14
CA CYS A 16 1.88 4.09 2.78
C CYS A 16 1.94 5.26 3.75
N ASP A 17 2.41 5.03 4.97
CA ASP A 17 2.60 6.11 5.93
C ASP A 17 3.75 7.00 5.51
N HIS A 18 4.58 6.48 4.64
CA HIS A 18 5.67 7.26 4.10
C HIS A 18 5.21 8.03 2.89
N PHE A 19 4.26 7.45 2.17
CA PHE A 19 3.75 8.06 0.95
C PHE A 19 2.69 9.11 1.27
N CYS A 20 1.63 8.67 1.92
CA CYS A 20 0.47 9.50 2.18
C CYS A 20 0.61 10.26 3.49
N GLY A 21 1.35 9.70 4.41
CA GLY A 21 1.49 10.29 5.71
C GLY A 21 1.09 9.30 6.77
N GLU A 22 1.55 9.50 7.98
CA GLU A 22 1.31 8.57 9.07
C GLU A 22 -0.14 8.58 9.47
N GLY A 23 -0.82 7.51 9.21
CA GLY A 23 -2.21 7.39 9.57
C GLY A 23 -3.08 7.75 8.40
N PHE A 24 -2.42 8.12 7.31
CA PHE A 24 -3.10 8.48 6.10
C PHE A 24 -2.85 7.40 5.06
N GLY A 25 -1.95 6.50 5.38
CA GLY A 25 -1.58 5.48 4.44
C GLY A 25 -2.35 4.21 4.63
N HIS A 26 -3.37 4.03 3.84
CA HIS A 26 -4.18 2.85 3.94
C HIS A 26 -3.98 1.95 2.74
N CYS A 27 -3.72 0.71 3.01
CA CYS A 27 -3.53 -0.28 1.99
C CYS A 27 -4.85 -0.96 1.68
N ILE A 28 -5.43 -0.63 0.55
CA ILE A 28 -6.69 -1.21 0.17
C ILE A 28 -6.42 -2.55 -0.46
N ARG A 29 -6.50 -3.57 0.37
CA ARG A 29 -6.29 -4.96 -0.01
C ARG A 29 -4.84 -5.21 -0.42
N GLY A 30 -3.98 -4.24 -0.10
CA GLY A 30 -2.57 -4.32 -0.42
C GLY A 30 -2.26 -4.05 -1.88
N MET A 31 -3.29 -4.13 -2.71
CA MET A 31 -3.16 -3.97 -4.15
C MET A 31 -2.84 -2.53 -4.48
N TYR A 32 -3.60 -1.64 -3.92
CA TYR A 32 -3.39 -0.24 -4.15
C TYR A 32 -3.41 0.52 -2.86
N CYS A 33 -2.69 1.58 -2.84
CA CYS A 33 -2.55 2.40 -1.67
C CYS A 33 -3.48 3.60 -1.76
N ALA A 34 -4.21 3.84 -0.71
CA ALA A 34 -5.13 4.93 -0.68
C ALA A 34 -4.73 5.88 0.42
N CYS A 35 -4.66 7.13 0.09
CA CYS A 35 -4.35 8.13 1.06
C CYS A 35 -5.64 8.61 1.67
N MET A 36 -5.65 8.80 2.95
CA MET A 36 -6.82 9.31 3.63
C MET A 36 -6.92 10.79 3.38
N ASN A 1 -4.43 -21.08 -8.98
CA ASN A 1 -3.07 -20.89 -9.48
C ASN A 1 -2.43 -19.78 -8.72
N ALA A 2 -1.17 -19.51 -8.98
CA ALA A 2 -0.50 -18.44 -8.32
C ALA A 2 -0.73 -17.16 -9.10
N PRO A 3 -1.21 -16.10 -8.43
CA PRO A 3 -1.35 -14.81 -9.06
C PRO A 3 0.02 -14.27 -9.44
N GLU A 4 0.38 -14.44 -10.68
CA GLU A 4 1.69 -14.09 -11.15
C GLU A 4 1.72 -12.67 -11.63
N PHE A 5 0.64 -12.26 -12.18
CA PHE A 5 0.49 -10.89 -12.65
C PHE A 5 -0.54 -10.15 -11.84
N THR A 6 -0.15 -9.81 -10.64
CA THR A 6 -0.93 -9.04 -9.72
C THR A 6 0.02 -8.08 -9.03
N GLN A 7 -0.04 -6.85 -9.40
CA GLN A 7 0.88 -5.87 -8.88
C GLN A 7 0.31 -5.23 -7.65
N SER A 8 0.81 -5.61 -6.52
CA SER A 8 0.40 -5.02 -5.30
C SER A 8 1.31 -3.82 -5.00
N VAL A 9 0.73 -2.63 -5.03
CA VAL A 9 1.49 -1.39 -4.86
C VAL A 9 1.96 -1.23 -3.40
N CYS A 10 1.29 -1.88 -2.51
CA CYS A 10 1.56 -1.72 -1.12
C CYS A 10 1.99 -3.01 -0.46
N GLU A 11 2.94 -2.90 0.43
CA GLU A 11 3.36 -3.99 1.27
C GLU A 11 2.46 -4.02 2.51
N ARG A 12 2.38 -2.89 3.20
CA ARG A 12 1.63 -2.78 4.43
C ARG A 12 1.31 -1.33 4.74
N ASN A 13 0.43 -1.10 5.71
CA ASN A 13 -0.02 0.26 6.06
C ASN A 13 1.09 1.17 6.50
N SER A 14 2.10 0.61 7.13
CA SER A 14 3.22 1.39 7.58
C SER A 14 4.05 1.94 6.40
N ASP A 15 4.00 1.25 5.26
CA ASP A 15 4.64 1.77 4.06
C ASP A 15 3.82 2.92 3.52
N CYS A 16 2.52 2.78 3.66
CA CYS A 16 1.61 3.83 3.25
C CYS A 16 1.73 5.06 4.12
N ASP A 17 2.19 4.89 5.35
CA ASP A 17 2.47 6.03 6.23
C ASP A 17 3.62 6.82 5.64
N HIS A 18 4.51 6.14 4.96
CA HIS A 18 5.63 6.77 4.32
C HIS A 18 5.19 7.40 2.98
N PHE A 19 4.30 6.71 2.27
CA PHE A 19 3.80 7.22 0.98
C PHE A 19 2.88 8.43 1.16
N CYS A 20 1.85 8.25 1.95
CA CYS A 20 0.80 9.24 2.10
C CYS A 20 1.04 10.14 3.29
N GLY A 21 1.21 9.54 4.43
CA GLY A 21 1.40 10.25 5.65
C GLY A 21 1.02 9.37 6.78
N GLU A 22 1.55 9.63 7.94
CA GLU A 22 1.31 8.79 9.09
C GLU A 22 -0.13 8.92 9.55
N GLY A 23 -0.87 7.86 9.36
CA GLY A 23 -2.25 7.83 9.75
C GLY A 23 -3.15 8.17 8.59
N PHE A 24 -2.55 8.39 7.44
CA PHE A 24 -3.28 8.72 6.25
C PHE A 24 -2.93 7.73 5.16
N GLY A 25 -2.19 6.71 5.55
CA GLY A 25 -1.75 5.72 4.62
C GLY A 25 -2.62 4.51 4.68
N HIS A 26 -3.62 4.46 3.83
CA HIS A 26 -4.54 3.35 3.83
C HIS A 26 -4.15 2.33 2.80
N CYS A 27 -3.58 1.26 3.27
CA CYS A 27 -3.17 0.20 2.42
C CYS A 27 -4.32 -0.76 2.25
N ILE A 28 -4.84 -0.83 1.06
CA ILE A 28 -5.98 -1.67 0.80
C ILE A 28 -5.51 -3.06 0.42
N ARG A 29 -5.30 -3.89 1.44
CA ARG A 29 -4.90 -5.30 1.32
C ARG A 29 -3.59 -5.50 0.56
N GLY A 30 -2.84 -4.44 0.42
CA GLY A 30 -1.59 -4.50 -0.29
C GLY A 30 -1.76 -4.20 -1.77
N MET A 31 -2.96 -4.41 -2.29
CA MET A 31 -3.25 -4.23 -3.73
C MET A 31 -2.93 -2.82 -4.16
N TYR A 32 -3.42 -1.86 -3.42
CA TYR A 32 -3.16 -0.48 -3.68
C TYR A 32 -3.09 0.32 -2.41
N CYS A 33 -2.61 1.52 -2.50
CA CYS A 33 -2.42 2.37 -1.36
C CYS A 33 -3.15 3.67 -1.58
N ALA A 34 -4.14 3.90 -0.78
CA ALA A 34 -4.97 5.07 -0.88
C ALA A 34 -4.59 6.05 0.20
N CYS A 35 -4.42 7.27 -0.17
CA CYS A 35 -4.08 8.29 0.78
C CYS A 35 -5.36 8.94 1.26
N MET A 36 -5.47 9.13 2.55
CA MET A 36 -6.65 9.71 3.15
C MET A 36 -6.76 11.18 2.80
N ASN A 1 6.29 -10.46 -14.92
CA ASN A 1 6.56 -9.02 -14.98
C ASN A 1 5.39 -8.31 -15.58
N ALA A 2 5.09 -7.15 -15.07
CA ALA A 2 4.03 -6.34 -15.59
C ALA A 2 4.45 -4.89 -15.48
N PRO A 3 4.04 -4.03 -16.44
CA PRO A 3 4.35 -2.59 -16.39
C PRO A 3 3.33 -1.83 -15.54
N GLU A 4 2.81 -2.52 -14.58
CA GLU A 4 1.77 -2.07 -13.72
C GLU A 4 1.88 -2.91 -12.47
N PHE A 5 1.49 -2.39 -11.33
CA PHE A 5 1.55 -3.19 -10.13
C PHE A 5 0.43 -4.20 -10.14
N THR A 6 0.75 -5.40 -10.54
CA THR A 6 -0.20 -6.50 -10.56
C THR A 6 -0.19 -7.19 -9.20
N GLN A 7 0.60 -6.65 -8.31
CA GLN A 7 0.78 -7.17 -6.99
C GLN A 7 0.61 -6.05 -5.99
N SER A 8 0.73 -6.41 -4.74
CA SER A 8 0.64 -5.52 -3.64
C SER A 8 1.75 -4.44 -3.68
N VAL A 9 1.34 -3.19 -3.78
CA VAL A 9 2.28 -2.07 -3.85
C VAL A 9 2.92 -1.81 -2.47
N CYS A 10 2.27 -2.30 -1.45
CA CYS A 10 2.74 -2.17 -0.10
C CYS A 10 2.80 -3.54 0.56
N GLU A 11 3.77 -3.72 1.41
CA GLU A 11 3.96 -4.97 2.13
C GLU A 11 3.26 -4.84 3.47
N ARG A 12 3.17 -3.61 3.91
CA ARG A 12 2.56 -3.24 5.16
C ARG A 12 1.84 -1.92 4.98
N ASN A 13 0.89 -1.62 5.84
CA ASN A 13 0.13 -0.36 5.72
C ASN A 13 1.00 0.84 6.03
N SER A 14 2.03 0.61 6.82
CA SER A 14 2.95 1.65 7.19
C SER A 14 3.82 2.12 6.02
N ASP A 15 3.83 1.35 4.91
CA ASP A 15 4.52 1.80 3.70
C ASP A 15 3.84 3.03 3.19
N CYS A 16 2.52 2.98 3.21
CA CYS A 16 1.71 4.08 2.76
C CYS A 16 1.79 5.28 3.66
N ASP A 17 2.23 5.07 4.89
CA ASP A 17 2.41 6.18 5.81
C ASP A 17 3.53 7.07 5.33
N HIS A 18 4.50 6.48 4.67
CA HIS A 18 5.61 7.22 4.11
C HIS A 18 5.18 8.03 2.90
N PHE A 19 4.11 7.62 2.26
CA PHE A 19 3.65 8.28 1.06
C PHE A 19 2.60 9.34 1.39
N CYS A 20 1.60 8.94 2.14
CA CYS A 20 0.46 9.79 2.41
C CYS A 20 0.60 10.58 3.71
N GLY A 21 1.37 10.08 4.62
CA GLY A 21 1.48 10.70 5.91
C GLY A 21 1.15 9.70 6.98
N GLU A 22 1.72 9.88 8.16
CA GLU A 22 1.55 8.93 9.25
C GLU A 22 0.11 8.85 9.69
N GLY A 23 -0.51 7.75 9.37
CA GLY A 23 -1.85 7.52 9.83
C GLY A 23 -2.86 7.81 8.75
N PHE A 24 -2.39 8.25 7.62
CA PHE A 24 -3.25 8.57 6.53
C PHE A 24 -2.90 7.72 5.32
N GLY A 25 -2.01 6.79 5.53
CA GLY A 25 -1.64 5.89 4.49
C GLY A 25 -2.41 4.61 4.58
N HIS A 26 -3.27 4.35 3.64
CA HIS A 26 -4.09 3.15 3.71
C HIS A 26 -3.86 2.23 2.53
N CYS A 27 -3.62 0.98 2.81
CA CYS A 27 -3.54 -0.03 1.77
C CYS A 27 -4.90 -0.67 1.65
N ILE A 28 -5.32 -0.96 0.44
CA ILE A 28 -6.57 -1.64 0.21
C ILE A 28 -6.26 -3.04 -0.25
N ARG A 29 -6.50 -4.01 0.64
CA ARG A 29 -6.28 -5.45 0.38
C ARG A 29 -4.81 -5.73 0.12
N GLY A 30 -3.97 -4.78 0.53
CA GLY A 30 -2.55 -4.83 0.27
C GLY A 30 -2.20 -4.44 -1.17
N MET A 31 -3.21 -4.42 -2.02
CA MET A 31 -3.06 -4.23 -3.45
C MET A 31 -2.61 -2.83 -3.77
N TYR A 32 -3.49 -1.88 -3.58
CA TYR A 32 -3.21 -0.51 -3.92
C TYR A 32 -3.19 0.37 -2.71
N CYS A 33 -2.67 1.55 -2.87
CA CYS A 33 -2.49 2.46 -1.78
C CYS A 33 -3.36 3.69 -1.99
N ALA A 34 -3.95 4.18 -0.94
CA ALA A 34 -4.77 5.33 -1.00
C ALA A 34 -4.45 6.25 0.16
N CYS A 35 -4.46 7.52 -0.10
CA CYS A 35 -4.20 8.50 0.91
C CYS A 35 -5.50 8.97 1.51
N MET A 36 -5.54 9.01 2.81
CA MET A 36 -6.73 9.45 3.51
C MET A 36 -6.82 10.96 3.46
N ASN A 1 12.73 -21.33 -5.95
CA ASN A 1 12.92 -21.60 -7.39
C ASN A 1 13.16 -20.31 -8.12
N ALA A 2 12.24 -19.38 -7.98
CA ALA A 2 12.36 -18.09 -8.61
C ALA A 2 11.76 -17.07 -7.67
N PRO A 3 12.22 -15.81 -7.73
CA PRO A 3 11.66 -14.74 -6.92
C PRO A 3 10.16 -14.60 -7.18
N GLU A 4 9.39 -14.46 -6.15
CA GLU A 4 8.00 -14.34 -6.33
C GLU A 4 7.67 -12.91 -6.65
N PHE A 5 7.19 -12.70 -7.83
CA PHE A 5 6.88 -11.38 -8.30
C PHE A 5 5.52 -10.96 -7.76
N THR A 6 5.53 -10.37 -6.60
CA THR A 6 4.34 -9.93 -5.95
C THR A 6 4.17 -8.44 -6.10
N GLN A 7 3.29 -8.04 -6.98
CA GLN A 7 3.03 -6.64 -7.21
C GLN A 7 2.27 -6.07 -6.04
N SER A 8 2.96 -5.34 -5.23
CA SER A 8 2.39 -4.80 -4.04
C SER A 8 3.08 -3.52 -3.66
N VAL A 9 2.32 -2.46 -3.54
CA VAL A 9 2.88 -1.18 -3.12
C VAL A 9 2.84 -1.11 -1.59
N CYS A 10 2.03 -1.97 -1.01
CA CYS A 10 1.86 -2.03 0.40
C CYS A 10 1.87 -3.48 0.87
N GLU A 11 2.70 -3.75 1.80
CA GLU A 11 2.75 -5.04 2.46
C GLU A 11 2.44 -4.83 3.93
N ARG A 12 2.58 -3.60 4.35
CA ARG A 12 2.38 -3.18 5.70
C ARG A 12 1.86 -1.79 5.65
N ASN A 13 1.05 -1.41 6.61
CA ASN A 13 0.39 -0.09 6.61
C ASN A 13 1.38 1.05 6.58
N SER A 14 2.56 0.83 7.14
CA SER A 14 3.60 1.84 7.15
C SER A 14 4.10 2.19 5.74
N ASP A 15 3.90 1.27 4.77
CA ASP A 15 4.29 1.54 3.38
C ASP A 15 3.50 2.70 2.84
N CYS A 16 2.23 2.73 3.19
CA CYS A 16 1.38 3.81 2.77
C CYS A 16 1.55 5.06 3.59
N ASP A 17 2.07 4.91 4.81
CA ASP A 17 2.35 6.08 5.64
C ASP A 17 3.50 6.87 5.07
N HIS A 18 4.26 6.22 4.21
CA HIS A 18 5.37 6.85 3.54
C HIS A 18 4.88 7.76 2.41
N PHE A 19 3.79 7.38 1.76
CA PHE A 19 3.28 8.14 0.64
C PHE A 19 2.16 9.09 1.06
N CYS A 20 1.36 8.65 1.98
CA CYS A 20 0.17 9.39 2.35
C CYS A 20 0.31 10.13 3.66
N GLY A 21 1.35 9.84 4.40
CA GLY A 21 1.53 10.48 5.68
C GLY A 21 1.25 9.54 6.82
N GLU A 22 1.95 9.74 7.91
CA GLU A 22 1.83 8.92 9.12
C GLU A 22 0.40 8.94 9.65
N GLY A 23 -0.30 7.86 9.45
CA GLY A 23 -1.64 7.73 9.96
C GLY A 23 -2.67 7.98 8.89
N PHE A 24 -2.19 8.31 7.71
CA PHE A 24 -3.06 8.63 6.61
C PHE A 24 -2.87 7.61 5.50
N GLY A 25 -2.10 6.59 5.77
CA GLY A 25 -1.82 5.60 4.78
C GLY A 25 -2.77 4.43 4.82
N HIS A 26 -3.60 4.30 3.80
CA HIS A 26 -4.54 3.20 3.70
C HIS A 26 -4.07 2.24 2.62
N CYS A 27 -4.22 0.99 2.86
CA CYS A 27 -3.82 -0.01 1.90
C CYS A 27 -5.01 -0.82 1.50
N ILE A 28 -5.27 -0.93 0.23
CA ILE A 28 -6.35 -1.77 -0.22
C ILE A 28 -5.79 -3.14 -0.52
N ARG A 29 -5.78 -3.95 0.54
CA ARG A 29 -5.32 -5.36 0.52
C ARG A 29 -3.81 -5.48 0.22
N GLY A 30 -3.17 -4.34 0.10
CA GLY A 30 -1.76 -4.31 -0.21
C GLY A 30 -1.50 -4.05 -1.69
N MET A 31 -2.56 -4.19 -2.49
CA MET A 31 -2.46 -4.03 -3.93
C MET A 31 -2.17 -2.59 -4.29
N TYR A 32 -3.04 -1.69 -3.91
CA TYR A 32 -2.81 -0.29 -4.17
C TYR A 32 -2.97 0.51 -2.89
N CYS A 33 -2.59 1.75 -2.95
CA CYS A 33 -2.54 2.59 -1.79
C CYS A 33 -3.57 3.69 -1.89
N ALA A 34 -4.06 4.14 -0.77
CA ALA A 34 -5.01 5.22 -0.71
C ALA A 34 -4.59 6.18 0.36
N CYS A 35 -4.67 7.43 0.10
CA CYS A 35 -4.26 8.43 1.04
C CYS A 35 -5.45 9.05 1.71
N MET A 36 -5.38 9.18 3.01
CA MET A 36 -6.42 9.83 3.76
C MET A 36 -6.24 11.33 3.65
N ASN A 1 4.34 -0.43 -20.51
CA ASN A 1 5.27 -1.24 -19.73
C ASN A 1 4.51 -2.05 -18.73
N ALA A 2 5.09 -3.15 -18.33
CA ALA A 2 4.51 -3.99 -17.32
C ALA A 2 5.09 -3.56 -15.98
N PRO A 3 4.54 -4.00 -14.83
CA PRO A 3 5.06 -3.59 -13.53
C PRO A 3 6.47 -4.14 -13.32
N GLU A 4 7.30 -3.38 -12.63
CA GLU A 4 8.67 -3.77 -12.36
C GLU A 4 8.69 -4.91 -11.35
N PHE A 5 7.68 -4.95 -10.56
CA PHE A 5 7.57 -5.90 -9.54
C PHE A 5 6.35 -6.73 -9.73
N THR A 6 6.43 -7.94 -9.29
CA THR A 6 5.29 -8.80 -9.24
C THR A 6 4.75 -8.75 -7.82
N GLN A 7 5.44 -7.98 -7.01
CA GLN A 7 5.07 -7.73 -5.66
C GLN A 7 4.15 -6.53 -5.66
N SER A 8 3.33 -6.44 -4.68
CA SER A 8 2.42 -5.36 -4.56
C SER A 8 3.16 -4.07 -4.19
N VAL A 9 2.60 -2.93 -4.57
CA VAL A 9 3.23 -1.64 -4.30
C VAL A 9 3.20 -1.33 -2.80
N CYS A 10 2.27 -1.92 -2.13
CA CYS A 10 2.11 -1.74 -0.73
C CYS A 10 2.03 -3.11 -0.09
N GLU A 11 2.41 -3.23 1.14
CA GLU A 11 2.41 -4.50 1.81
C GLU A 11 1.70 -4.38 3.16
N ARG A 12 2.03 -3.34 3.88
CA ARG A 12 1.48 -3.11 5.20
C ARG A 12 0.96 -1.68 5.30
N ASN A 13 0.19 -1.39 6.35
CA ASN A 13 -0.43 -0.05 6.54
C ASN A 13 0.62 1.04 6.60
N SER A 14 1.75 0.71 7.19
CA SER A 14 2.81 1.63 7.36
C SER A 14 3.53 2.00 6.04
N ASP A 15 3.32 1.20 4.98
CA ASP A 15 3.87 1.58 3.65
C ASP A 15 3.20 2.86 3.20
N CYS A 16 1.93 2.92 3.42
CA CYS A 16 1.16 4.06 3.05
C CYS A 16 1.43 5.26 3.93
N ASP A 17 2.03 5.03 5.08
CA ASP A 17 2.42 6.13 5.94
C ASP A 17 3.69 6.78 5.40
N HIS A 18 4.32 6.09 4.47
CA HIS A 18 5.48 6.63 3.80
C HIS A 18 5.03 7.40 2.58
N PHE A 19 4.19 6.76 1.77
CA PHE A 19 3.70 7.38 0.53
C PHE A 19 2.72 8.52 0.79
N CYS A 20 1.74 8.28 1.62
CA CYS A 20 0.70 9.26 1.90
C CYS A 20 1.13 10.17 3.02
N GLY A 21 1.44 9.59 4.15
CA GLY A 21 1.83 10.35 5.30
C GLY A 21 1.41 9.62 6.52
N GLU A 22 2.07 9.88 7.61
CA GLU A 22 1.79 9.18 8.84
C GLU A 22 0.41 9.51 9.39
N GLY A 23 -0.45 8.52 9.35
CA GLY A 23 -1.79 8.66 9.84
C GLY A 23 -2.77 8.66 8.71
N PHE A 24 -2.28 8.90 7.52
CA PHE A 24 -3.12 9.02 6.34
C PHE A 24 -2.90 7.86 5.41
N GLY A 25 -2.20 6.88 5.88
CA GLY A 25 -1.89 5.77 5.05
C GLY A 25 -2.80 4.57 5.29
N HIS A 26 -3.47 4.15 4.23
CA HIS A 26 -4.32 2.96 4.26
C HIS A 26 -3.91 2.01 3.16
N CYS A 27 -3.41 0.89 3.52
CA CYS A 27 -2.93 -0.06 2.55
C CYS A 27 -4.07 -0.98 2.19
N ILE A 28 -4.62 -0.81 1.01
CA ILE A 28 -5.78 -1.58 0.63
C ILE A 28 -5.37 -2.90 0.00
N ARG A 29 -5.23 -3.90 0.86
CA ARG A 29 -4.92 -5.29 0.50
C ARG A 29 -3.54 -5.43 -0.16
N GLY A 30 -2.77 -4.36 -0.16
CA GLY A 30 -1.47 -4.36 -0.79
C GLY A 30 -1.53 -3.92 -2.25
N MET A 31 -2.73 -4.07 -2.82
CA MET A 31 -3.00 -3.79 -4.23
C MET A 31 -2.67 -2.37 -4.57
N TYR A 32 -3.13 -1.48 -3.75
CA TYR A 32 -2.86 -0.10 -3.91
C TYR A 32 -2.73 0.58 -2.59
N CYS A 33 -2.07 1.69 -2.60
CA CYS A 33 -1.81 2.45 -1.43
C CYS A 33 -2.75 3.63 -1.44
N ALA A 34 -3.64 3.66 -0.50
CA ALA A 34 -4.64 4.69 -0.44
C ALA A 34 -4.32 5.66 0.65
N CYS A 35 -4.62 6.89 0.40
CA CYS A 35 -4.41 7.93 1.35
C CYS A 35 -5.75 8.29 1.95
N MET A 36 -5.77 8.72 3.18
CA MET A 36 -7.02 9.09 3.80
C MET A 36 -7.41 10.49 3.39
N ASN A 1 -6.10 -14.14 -14.64
CA ASN A 1 -7.46 -13.59 -14.57
C ASN A 1 -7.70 -12.55 -15.65
N ALA A 2 -6.86 -11.55 -15.71
CA ALA A 2 -6.96 -10.50 -16.70
C ALA A 2 -5.55 -9.99 -17.02
N PRO A 3 -5.36 -9.17 -18.09
CA PRO A 3 -4.05 -8.54 -18.38
C PRO A 3 -3.68 -7.55 -17.30
N GLU A 4 -4.66 -7.16 -16.56
CA GLU A 4 -4.50 -6.36 -15.38
C GLU A 4 -4.20 -7.33 -14.24
N PHE A 5 -3.14 -7.11 -13.54
CA PHE A 5 -2.77 -8.00 -12.48
C PHE A 5 -2.90 -7.32 -11.14
N THR A 6 -2.68 -8.08 -10.10
CA THR A 6 -2.74 -7.59 -8.77
C THR A 6 -1.41 -6.95 -8.37
N GLN A 7 -1.32 -5.66 -8.57
CA GLN A 7 -0.13 -4.92 -8.25
C GLN A 7 -0.08 -4.67 -6.78
N SER A 8 1.00 -5.05 -6.16
CA SER A 8 1.21 -4.81 -4.77
C SER A 8 2.26 -3.72 -4.58
N VAL A 9 1.82 -2.53 -4.29
CA VAL A 9 2.72 -1.40 -4.09
C VAL A 9 2.78 -1.11 -2.60
N CYS A 10 1.98 -1.84 -1.89
CA CYS A 10 1.89 -1.77 -0.49
C CYS A 10 1.73 -3.17 0.02
N GLU A 11 2.53 -3.52 0.97
CA GLU A 11 2.41 -4.80 1.61
C GLU A 11 2.02 -4.56 3.04
N ARG A 12 2.64 -3.55 3.62
CA ARG A 12 2.41 -3.21 4.99
C ARG A 12 1.92 -1.79 5.07
N ASN A 13 1.09 -1.54 6.05
CA ASN A 13 0.43 -0.25 6.24
C ASN A 13 1.42 0.88 6.44
N SER A 14 2.52 0.57 7.11
CA SER A 14 3.55 1.55 7.41
C SER A 14 4.17 2.18 6.15
N ASP A 15 4.21 1.45 5.03
CA ASP A 15 4.74 2.06 3.80
C ASP A 15 3.78 3.09 3.24
N CYS A 16 2.52 2.94 3.54
CA CYS A 16 1.53 3.92 3.13
C CYS A 16 1.64 5.21 3.91
N ASP A 17 2.26 5.14 5.07
CA ASP A 17 2.49 6.34 5.86
C ASP A 17 3.63 7.12 5.24
N HIS A 18 4.49 6.42 4.54
CA HIS A 18 5.57 7.05 3.82
C HIS A 18 5.01 7.70 2.56
N PHE A 19 4.19 6.95 1.82
CA PHE A 19 3.57 7.44 0.60
C PHE A 19 2.63 8.62 0.86
N CYS A 20 1.74 8.44 1.81
CA CYS A 20 0.72 9.42 2.10
C CYS A 20 1.08 10.25 3.34
N GLY A 21 1.05 9.63 4.48
CA GLY A 21 1.34 10.32 5.71
C GLY A 21 1.02 9.43 6.87
N GLU A 22 1.58 9.71 8.01
CA GLU A 22 1.40 8.93 9.21
C GLU A 22 -0.05 9.02 9.68
N GLY A 23 -0.77 7.95 9.46
CA GLY A 23 -2.16 7.91 9.85
C GLY A 23 -3.05 8.28 8.69
N PHE A 24 -2.44 8.49 7.55
CA PHE A 24 -3.15 8.83 6.33
C PHE A 24 -2.92 7.73 5.30
N GLY A 25 -2.27 6.69 5.71
CA GLY A 25 -1.93 5.63 4.83
C GLY A 25 -2.90 4.46 4.90
N HIS A 26 -3.73 4.34 3.90
CA HIS A 26 -4.64 3.21 3.82
C HIS A 26 -4.11 2.23 2.80
N CYS A 27 -3.77 1.06 3.26
CA CYS A 27 -3.27 0.04 2.38
C CYS A 27 -4.45 -0.81 1.98
N ILE A 28 -4.85 -0.72 0.74
CA ILE A 28 -6.06 -1.39 0.31
C ILE A 28 -5.71 -2.73 -0.30
N ARG A 29 -6.10 -3.80 0.43
CA ARG A 29 -5.94 -5.22 0.02
C ARG A 29 -4.46 -5.64 -0.03
N GLY A 30 -3.58 -4.75 0.37
CA GLY A 30 -2.17 -4.98 0.17
C GLY A 30 -1.87 -5.01 -1.29
N MET A 31 -2.57 -4.17 -2.00
CA MET A 31 -2.40 -3.99 -3.40
C MET A 31 -2.02 -2.57 -3.66
N TYR A 32 -3.00 -1.70 -3.59
CA TYR A 32 -2.79 -0.32 -3.86
C TYR A 32 -2.89 0.48 -2.60
N CYS A 33 -2.36 1.65 -2.62
CA CYS A 33 -2.33 2.50 -1.48
C CYS A 33 -3.25 3.67 -1.72
N ALA A 34 -3.95 4.07 -0.71
CA ALA A 34 -4.86 5.17 -0.81
C ALA A 34 -4.59 6.14 0.31
N CYS A 35 -4.52 7.39 -0.03
CA CYS A 35 -4.26 8.42 0.95
C CYS A 35 -5.56 8.88 1.58
N MET A 36 -5.55 8.98 2.89
CA MET A 36 -6.69 9.47 3.63
C MET A 36 -6.91 10.93 3.32
N ASN A 1 3.09 -22.45 -15.49
CA ASN A 1 1.74 -22.08 -15.11
C ASN A 1 1.67 -21.92 -13.61
N ALA A 2 1.22 -20.78 -13.18
CA ALA A 2 1.10 -20.44 -11.79
C ALA A 2 -0.09 -19.51 -11.69
N PRO A 3 -0.63 -19.23 -10.49
CA PRO A 3 -1.72 -18.26 -10.32
C PRO A 3 -1.32 -16.88 -10.85
N GLU A 4 -2.27 -16.03 -11.01
CA GLU A 4 -2.04 -14.73 -11.57
C GLU A 4 -1.54 -13.79 -10.47
N PHE A 5 -0.30 -13.40 -10.59
CA PHE A 5 0.32 -12.53 -9.64
C PHE A 5 0.34 -11.12 -10.20
N THR A 6 0.43 -10.16 -9.34
CA THR A 6 0.46 -8.80 -9.73
C THR A 6 1.25 -8.03 -8.67
N GLN A 7 1.75 -6.87 -9.02
CA GLN A 7 2.57 -6.08 -8.12
C GLN A 7 1.74 -5.27 -7.16
N SER A 8 1.78 -5.67 -5.92
CA SER A 8 1.14 -4.98 -4.87
C SER A 8 2.03 -3.80 -4.43
N VAL A 9 1.43 -2.67 -4.17
CA VAL A 9 2.16 -1.46 -3.82
C VAL A 9 2.68 -1.52 -2.39
N CYS A 10 1.90 -2.09 -1.52
CA CYS A 10 2.25 -2.08 -0.13
C CYS A 10 1.69 -3.31 0.56
N GLU A 11 1.93 -3.40 1.84
CA GLU A 11 1.37 -4.44 2.66
C GLU A 11 1.09 -3.93 4.05
N ARG A 12 1.99 -3.13 4.55
CA ARG A 12 1.91 -2.64 5.90
C ARG A 12 1.57 -1.18 5.88
N ASN A 13 0.96 -0.72 6.95
CA ASN A 13 0.59 0.69 7.12
C ASN A 13 1.79 1.60 6.93
N SER A 14 2.89 1.18 7.48
CA SER A 14 4.14 1.89 7.43
C SER A 14 4.73 2.03 6.00
N ASP A 15 4.14 1.34 5.02
CA ASP A 15 4.54 1.53 3.61
C ASP A 15 3.89 2.79 3.12
N CYS A 16 2.59 2.83 3.29
CA CYS A 16 1.78 3.93 2.81
C CYS A 16 1.89 5.15 3.66
N ASP A 17 2.39 5.00 4.87
CA ASP A 17 2.65 6.14 5.72
C ASP A 17 3.70 7.01 5.10
N HIS A 18 4.59 6.40 4.34
CA HIS A 18 5.58 7.13 3.62
C HIS A 18 4.92 7.98 2.56
N PHE A 19 4.04 7.35 1.80
CA PHE A 19 3.41 8.01 0.66
C PHE A 19 2.35 9.03 1.09
N CYS A 20 1.44 8.59 1.91
CA CYS A 20 0.25 9.37 2.25
C CYS A 20 0.36 10.10 3.58
N GLY A 21 1.33 9.78 4.36
CA GLY A 21 1.42 10.39 5.65
C GLY A 21 1.14 9.38 6.73
N GLU A 22 1.62 9.65 7.91
CA GLU A 22 1.57 8.74 9.03
C GLU A 22 0.14 8.51 9.53
N GLY A 23 -0.40 7.35 9.21
CA GLY A 23 -1.71 6.97 9.64
C GLY A 23 -2.72 7.23 8.55
N PHE A 24 -2.28 7.91 7.52
CA PHE A 24 -3.15 8.28 6.42
C PHE A 24 -2.89 7.34 5.27
N GLY A 25 -1.95 6.44 5.46
CA GLY A 25 -1.61 5.49 4.48
C GLY A 25 -2.42 4.22 4.62
N HIS A 26 -3.39 4.06 3.77
CA HIS A 26 -4.22 2.88 3.82
C HIS A 26 -3.93 1.95 2.67
N CYS A 27 -3.60 0.74 2.98
CA CYS A 27 -3.36 -0.26 1.97
C CYS A 27 -4.61 -1.01 1.66
N ILE A 28 -5.05 -0.92 0.43
CA ILE A 28 -6.23 -1.64 0.03
C ILE A 28 -5.80 -3.02 -0.44
N ARG A 29 -5.79 -3.97 0.51
CA ARG A 29 -5.41 -5.37 0.29
C ARG A 29 -3.94 -5.47 -0.16
N GLY A 30 -3.22 -4.38 0.03
CA GLY A 30 -1.85 -4.30 -0.37
C GLY A 30 -1.68 -3.97 -1.85
N MET A 31 -2.76 -4.15 -2.60
CA MET A 31 -2.76 -3.96 -4.04
C MET A 31 -2.50 -2.53 -4.43
N TYR A 32 -3.28 -1.64 -3.90
CA TYR A 32 -3.10 -0.23 -4.17
C TYR A 32 -3.17 0.57 -2.91
N CYS A 33 -2.57 1.71 -2.92
CA CYS A 33 -2.48 2.56 -1.78
C CYS A 33 -3.54 3.65 -1.85
N ALA A 34 -4.10 4.00 -0.72
CA ALA A 34 -5.09 5.04 -0.63
C ALA A 34 -4.70 6.06 0.43
N CYS A 35 -4.68 7.30 0.07
CA CYS A 35 -4.32 8.35 1.02
C CYS A 35 -5.54 8.95 1.66
N MET A 36 -5.55 9.00 2.98
CA MET A 36 -6.63 9.62 3.71
C MET A 36 -6.54 11.14 3.57
N ASN A 1 15.47 -6.66 -9.72
CA ASN A 1 15.24 -8.10 -9.77
C ASN A 1 13.86 -8.36 -10.33
N ALA A 2 13.52 -9.61 -10.48
CA ALA A 2 12.22 -10.01 -10.92
C ALA A 2 11.46 -10.50 -9.72
N PRO A 3 10.18 -10.11 -9.58
CA PRO A 3 9.35 -10.58 -8.47
C PRO A 3 9.31 -12.10 -8.40
N GLU A 4 9.98 -12.63 -7.41
CA GLU A 4 10.01 -14.05 -7.18
C GLU A 4 8.97 -14.37 -6.13
N PHE A 5 8.69 -13.38 -5.36
CA PHE A 5 7.70 -13.43 -4.32
C PHE A 5 6.61 -12.47 -4.69
N THR A 6 5.39 -12.84 -4.45
CA THR A 6 4.30 -11.99 -4.78
C THR A 6 4.07 -10.95 -3.68
N GLN A 7 4.66 -9.80 -3.88
CA GLN A 7 4.55 -8.70 -2.96
C GLN A 7 3.42 -7.80 -3.38
N SER A 8 2.98 -7.00 -2.47
CA SER A 8 1.94 -6.07 -2.74
C SER A 8 2.55 -4.66 -2.83
N VAL A 9 1.71 -3.64 -3.04
CA VAL A 9 2.18 -2.26 -3.11
C VAL A 9 2.62 -1.82 -1.72
N CYS A 10 1.89 -2.25 -0.75
CA CYS A 10 2.22 -2.00 0.61
C CYS A 10 2.03 -3.28 1.38
N GLU A 11 3.09 -3.77 1.96
CA GLU A 11 3.02 -5.03 2.65
C GLU A 11 2.84 -4.73 4.13
N ARG A 12 3.20 -3.53 4.50
CA ARG A 12 3.00 -3.03 5.81
C ARG A 12 2.27 -1.71 5.69
N ASN A 13 1.52 -1.37 6.71
CA ASN A 13 0.69 -0.15 6.70
C ASN A 13 1.57 1.09 6.55
N SER A 14 2.74 1.02 7.14
CA SER A 14 3.69 2.08 7.16
C SER A 14 4.24 2.42 5.76
N ASP A 15 4.11 1.48 4.79
CA ASP A 15 4.54 1.77 3.41
C ASP A 15 3.71 2.93 2.90
N CYS A 16 2.44 2.90 3.22
CA CYS A 16 1.53 3.95 2.83
C CYS A 16 1.73 5.21 3.65
N ASP A 17 2.21 5.07 4.86
CA ASP A 17 2.50 6.21 5.70
C ASP A 17 3.68 6.99 5.15
N HIS A 18 4.57 6.30 4.46
CA HIS A 18 5.72 6.94 3.84
C HIS A 18 5.31 7.80 2.64
N PHE A 19 4.16 7.49 2.06
CA PHE A 19 3.69 8.24 0.90
C PHE A 19 2.61 9.24 1.29
N CYS A 20 1.60 8.77 1.98
CA CYS A 20 0.42 9.59 2.29
C CYS A 20 0.60 10.40 3.57
N GLY A 21 1.59 10.04 4.35
CA GLY A 21 1.79 10.67 5.64
C GLY A 21 1.30 9.75 6.71
N GLU A 22 1.95 9.77 7.86
CA GLU A 22 1.60 8.85 8.92
C GLU A 22 0.16 8.98 9.42
N GLY A 23 -0.55 7.89 9.31
CA GLY A 23 -1.90 7.81 9.74
C GLY A 23 -2.85 7.86 8.58
N PHE A 24 -2.43 8.52 7.52
CA PHE A 24 -3.25 8.71 6.33
C PHE A 24 -3.02 7.59 5.35
N GLY A 25 -2.11 6.72 5.69
CA GLY A 25 -1.79 5.63 4.83
C GLY A 25 -2.67 4.44 5.11
N HIS A 26 -3.41 4.02 4.11
CA HIS A 26 -4.24 2.84 4.20
C HIS A 26 -4.01 1.98 2.98
N CYS A 27 -4.11 0.71 3.13
CA CYS A 27 -3.92 -0.20 2.04
C CYS A 27 -5.23 -0.81 1.61
N ILE A 28 -5.49 -0.79 0.33
CA ILE A 28 -6.67 -1.42 -0.18
C ILE A 28 -6.29 -2.77 -0.71
N ARG A 29 -6.38 -3.78 0.17
CA ARG A 29 -6.07 -5.18 -0.13
C ARG A 29 -4.61 -5.38 -0.52
N GLY A 30 -3.80 -4.35 -0.31
CA GLY A 30 -2.41 -4.38 -0.70
C GLY A 30 -2.23 -4.17 -2.19
N MET A 31 -3.35 -4.10 -2.91
CA MET A 31 -3.34 -3.98 -4.37
C MET A 31 -2.97 -2.58 -4.78
N TYR A 32 -3.33 -1.64 -3.94
CA TYR A 32 -2.96 -0.27 -4.12
C TYR A 32 -3.00 0.46 -2.80
N CYS A 33 -2.28 1.54 -2.75
CA CYS A 33 -2.15 2.34 -1.57
C CYS A 33 -3.16 3.48 -1.65
N ALA A 34 -3.85 3.74 -0.56
CA ALA A 34 -4.85 4.77 -0.54
C ALA A 34 -4.54 5.80 0.55
N CYS A 35 -4.56 7.04 0.16
CA CYS A 35 -4.32 8.13 1.09
C CYS A 35 -5.64 8.63 1.62
N MET A 36 -5.75 8.76 2.92
CA MET A 36 -6.98 9.22 3.54
C MET A 36 -7.15 10.72 3.32
N ASN A 1 7.49 -3.46 -23.82
CA ASN A 1 8.59 -3.26 -22.88
C ASN A 1 8.36 -2.02 -22.06
N ALA A 2 8.18 -2.22 -20.79
CA ALA A 2 7.99 -1.13 -19.86
C ALA A 2 8.44 -1.60 -18.50
N PRO A 3 9.57 -1.09 -17.99
CA PRO A 3 10.10 -1.47 -16.69
C PRO A 3 9.18 -1.10 -15.52
N GLU A 4 8.32 -2.01 -15.20
CA GLU A 4 7.41 -1.94 -14.10
C GLU A 4 6.98 -3.34 -13.81
N PHE A 5 7.02 -3.72 -12.59
CA PHE A 5 6.61 -5.04 -12.21
C PHE A 5 5.41 -4.92 -11.32
N THR A 6 4.38 -5.63 -11.65
CA THR A 6 3.16 -5.57 -10.91
C THR A 6 3.28 -6.37 -9.62
N GLN A 7 3.83 -5.74 -8.62
CA GLN A 7 4.03 -6.36 -7.35
C GLN A 7 3.14 -5.62 -6.37
N SER A 8 3.25 -5.93 -5.14
CA SER A 8 2.53 -5.23 -4.14
C SER A 8 3.30 -3.96 -3.78
N VAL A 9 2.68 -2.81 -4.03
CA VAL A 9 3.29 -1.51 -3.72
C VAL A 9 3.25 -1.28 -2.21
N CYS A 10 2.42 -2.05 -1.58
CA CYS A 10 2.20 -1.93 -0.19
C CYS A 10 2.06 -3.33 0.41
N GLU A 11 2.52 -3.48 1.62
CA GLU A 11 2.35 -4.72 2.35
C GLU A 11 1.48 -4.45 3.56
N ARG A 12 1.72 -3.33 4.20
CA ARG A 12 1.02 -2.94 5.39
C ARG A 12 0.71 -1.46 5.35
N ASN A 13 -0.19 -1.00 6.20
CA ASN A 13 -0.64 0.40 6.24
C ASN A 13 0.49 1.39 6.40
N SER A 14 1.53 1.00 7.13
CA SER A 14 2.68 1.85 7.32
C SER A 14 3.43 2.13 6.01
N ASP A 15 3.34 1.18 5.02
CA ASP A 15 3.92 1.43 3.69
C ASP A 15 3.27 2.64 3.08
N CYS A 16 1.98 2.73 3.27
CA CYS A 16 1.21 3.83 2.77
C CYS A 16 1.42 5.10 3.53
N ASP A 17 1.85 4.99 4.76
CA ASP A 17 2.17 6.19 5.55
C ASP A 17 3.41 6.85 4.98
N HIS A 18 4.24 6.05 4.32
CA HIS A 18 5.44 6.58 3.67
C HIS A 18 5.07 7.39 2.45
N PHE A 19 3.90 7.14 1.91
CA PHE A 19 3.44 7.83 0.73
C PHE A 19 2.50 8.98 1.10
N CYS A 20 1.47 8.64 1.83
CA CYS A 20 0.38 9.55 2.15
C CYS A 20 0.66 10.42 3.39
N GLY A 21 1.63 10.04 4.18
CA GLY A 21 1.91 10.78 5.39
C GLY A 21 1.63 9.93 6.58
N GLU A 22 2.29 10.22 7.67
CA GLU A 22 2.20 9.44 8.90
C GLU A 22 0.80 9.52 9.49
N GLY A 23 0.04 8.49 9.32
CA GLY A 23 -1.27 8.43 9.87
C GLY A 23 -2.32 8.54 8.80
N PHE A 24 -1.87 8.75 7.58
CA PHE A 24 -2.78 8.91 6.46
C PHE A 24 -2.69 7.73 5.52
N GLY A 25 -1.83 6.80 5.83
CA GLY A 25 -1.63 5.69 4.95
C GLY A 25 -2.57 4.52 5.21
N HIS A 26 -3.28 4.10 4.18
CA HIS A 26 -4.15 2.95 4.25
C HIS A 26 -3.82 2.00 3.12
N CYS A 27 -3.61 0.77 3.44
CA CYS A 27 -3.21 -0.19 2.44
C CYS A 27 -4.42 -0.95 1.98
N ILE A 28 -4.67 -0.98 0.70
CA ILE A 28 -5.83 -1.68 0.21
C ILE A 28 -5.41 -3.00 -0.39
N ARG A 29 -5.40 -4.03 0.46
CA ARG A 29 -5.08 -5.42 0.09
C ARG A 29 -3.65 -5.57 -0.45
N GLY A 30 -2.83 -4.54 -0.29
CA GLY A 30 -1.46 -4.57 -0.78
C GLY A 30 -1.37 -4.20 -2.26
N MET A 31 -2.49 -4.30 -2.95
CA MET A 31 -2.60 -4.04 -4.39
C MET A 31 -2.29 -2.59 -4.67
N TYR A 32 -2.92 -1.71 -3.96
CA TYR A 32 -2.68 -0.31 -4.12
C TYR A 32 -2.66 0.39 -2.80
N CYS A 33 -2.21 1.59 -2.83
CA CYS A 33 -2.06 2.41 -1.69
C CYS A 33 -3.17 3.44 -1.67
N ALA A 34 -3.67 3.74 -0.51
CA ALA A 34 -4.72 4.72 -0.35
C ALA A 34 -4.35 5.71 0.73
N CYS A 35 -4.83 6.90 0.57
CA CYS A 35 -4.55 7.97 1.50
C CYS A 35 -5.84 8.37 2.20
N MET A 36 -5.75 8.64 3.48
CA MET A 36 -6.88 9.06 4.28
C MET A 36 -7.10 10.55 4.12
N ASN A 1 -7.78 -23.13 -8.28
CA ASN A 1 -6.55 -22.35 -8.35
C ASN A 1 -6.45 -21.46 -7.15
N ALA A 2 -5.28 -20.95 -6.89
CA ALA A 2 -5.08 -20.09 -5.77
C ALA A 2 -4.75 -18.67 -6.25
N PRO A 3 -5.72 -17.74 -6.18
CA PRO A 3 -5.47 -16.32 -6.48
C PRO A 3 -4.46 -15.77 -5.48
N GLU A 4 -3.34 -15.35 -5.99
CA GLU A 4 -2.28 -14.87 -5.18
C GLU A 4 -1.55 -13.79 -5.95
N PHE A 5 -1.45 -12.62 -5.38
CA PHE A 5 -0.74 -11.54 -6.01
C PHE A 5 0.50 -11.26 -5.22
N THR A 6 1.64 -11.59 -5.80
CA THR A 6 2.91 -11.43 -5.13
C THR A 6 3.51 -10.06 -5.38
N GLN A 7 2.82 -9.31 -6.18
CA GLN A 7 3.21 -7.96 -6.49
C GLN A 7 2.19 -7.05 -5.87
N SER A 8 2.65 -5.97 -5.33
CA SER A 8 1.82 -5.08 -4.60
C SER A 8 2.40 -3.67 -4.65
N VAL A 9 1.74 -2.74 -3.99
CA VAL A 9 2.25 -1.38 -3.86
C VAL A 9 2.73 -1.17 -2.41
N CYS A 10 2.16 -1.94 -1.53
CA CYS A 10 2.47 -1.85 -0.12
C CYS A 10 2.07 -3.15 0.54
N GLU A 11 2.60 -3.42 1.72
CA GLU A 11 2.24 -4.61 2.44
C GLU A 11 1.34 -4.24 3.59
N ARG A 12 1.67 -3.16 4.24
CA ARG A 12 0.96 -2.70 5.40
C ARG A 12 0.79 -1.20 5.37
N ASN A 13 0.04 -0.68 6.34
CA ASN A 13 -0.28 0.75 6.43
C ASN A 13 0.95 1.61 6.53
N SER A 14 1.94 1.15 7.29
CA SER A 14 3.17 1.88 7.49
C SER A 14 3.93 2.09 6.19
N ASP A 15 3.79 1.16 5.21
CA ASP A 15 4.40 1.39 3.88
C ASP A 15 3.83 2.67 3.28
N CYS A 16 2.51 2.76 3.26
CA CYS A 16 1.82 3.91 2.69
C CYS A 16 1.91 5.15 3.55
N ASP A 17 2.33 5.00 4.79
CA ASP A 17 2.54 6.14 5.66
C ASP A 17 3.68 6.99 5.17
N HIS A 18 4.53 6.40 4.36
CA HIS A 18 5.63 7.15 3.77
C HIS A 18 5.22 7.77 2.46
N PHE A 19 3.98 7.58 2.08
CA PHE A 19 3.47 8.18 0.87
C PHE A 19 2.40 9.19 1.21
N CYS A 20 1.50 8.81 2.08
CA CYS A 20 0.36 9.62 2.41
C CYS A 20 0.55 10.33 3.75
N GLY A 21 1.69 10.18 4.36
CA GLY A 21 1.89 10.77 5.67
C GLY A 21 1.54 9.76 6.74
N GLU A 22 2.22 9.83 7.85
CA GLU A 22 2.06 8.87 8.91
C GLU A 22 0.71 9.06 9.58
N GLY A 23 -0.15 8.10 9.38
CA GLY A 23 -1.46 8.14 9.94
C GLY A 23 -2.49 8.30 8.87
N PHE A 24 -2.04 8.37 7.64
CA PHE A 24 -2.94 8.54 6.51
C PHE A 24 -2.73 7.47 5.46
N GLY A 25 -1.85 6.53 5.74
CA GLY A 25 -1.58 5.49 4.79
C GLY A 25 -2.57 4.35 4.87
N HIS A 26 -3.18 4.01 3.76
CA HIS A 26 -4.12 2.90 3.68
C HIS A 26 -3.74 1.96 2.57
N CYS A 27 -3.83 0.71 2.84
CA CYS A 27 -3.55 -0.30 1.85
C CYS A 27 -4.76 -1.19 1.67
N ILE A 28 -5.28 -1.23 0.47
CA ILE A 28 -6.40 -2.08 0.19
C ILE A 28 -5.84 -3.41 -0.29
N ARG A 29 -5.67 -4.32 0.67
CA ARG A 29 -5.12 -5.66 0.45
C ARG A 29 -3.72 -5.59 -0.16
N GLY A 30 -3.07 -4.44 0.00
CA GLY A 30 -1.73 -4.21 -0.50
C GLY A 30 -1.68 -4.01 -2.01
N MET A 31 -2.84 -4.15 -2.64
CA MET A 31 -2.95 -4.07 -4.09
C MET A 31 -2.66 -2.68 -4.55
N TYR A 32 -3.29 -1.74 -3.93
CA TYR A 32 -3.09 -0.37 -4.25
C TYR A 32 -3.03 0.45 -2.99
N CYS A 33 -2.38 1.57 -3.09
CA CYS A 33 -2.18 2.43 -1.96
C CYS A 33 -3.26 3.50 -1.98
N ALA A 34 -3.75 3.83 -0.82
CA ALA A 34 -4.76 4.82 -0.67
C ALA A 34 -4.36 5.77 0.43
N CYS A 35 -4.74 7.00 0.29
CA CYS A 35 -4.44 7.99 1.29
C CYS A 35 -5.74 8.39 1.98
N MET A 36 -5.66 8.64 3.26
CA MET A 36 -6.82 9.06 4.03
C MET A 36 -7.15 10.51 3.73
#